data_9B3K
#
_entry.id   9B3K
#
_cell.length_a   1.00
_cell.length_b   1.00
_cell.length_c   1.00
_cell.angle_alpha   90.00
_cell.angle_beta   90.00
_cell.angle_gamma   90.00
#
_symmetry.space_group_name_H-M   'P 1'
#
loop_
_entity.id
_entity.type
_entity.pdbx_description
1 polymer 'NorA-BRIL(3A) fusion'
2 polymer 'Fab36 heavy chain'
3 polymer 'Fab36 light chain'
#
loop_
_entity_poly.entity_id
_entity_poly.type
_entity_poly.pdbx_seq_one_letter_code
_entity_poly.pdbx_strand_id
1 'polypeptide(L)'
;MNKQIFVLYFNIFLIFLGIGLVIPVLPVYLKDLGLTGSDLGLLVAAFALSQMIISPFGGTLADKLGKKLIICIGLILFSV
SEFMFAVGHNFSVLMLSRVIGGMSAGMVMPGVTGLIADISPSHQKAKNFGYMSAIINSGFILGPGIGGFMAEVSHRMPFY
FAGALGILAFIMSIVLIHDPKKSTTSGFQKLEPQLLTKINWKVFITPVILTLVLSFGLSAFETLYSLYTADKVNYSPKDI
SIAITGGGIFGALFQIYFFDKFMKYFSELTFIAWSLLYSVVVLILLVFANDYWSIMLISFVVFIGFDMIRPAITNYFSNI
AGERQGFAGGLNSTFTSMGNFIGPLIAGALFDVHIEAPIYMAIGVSLAGVVIVLIEKQHRAAAADLEDNWETLNDNLKVI
EKADNAAQVKDALTKMRAAALDAQKATPPKLEDKSPDSPEMKDFRHGFDILVGQIDDALKLANEGKVKEAQAAAEQLKTT
RNAYIQKYL
;
Z
2 'polypeptide(L)'
;MKKNIAFLLASMFVFSIATNAYAEISEVQLVESGGGLVQPGGSLRLSCAASGFTFSSSSIHWVRQAPGKGLEWVASISSS
SGSTSYADSVKGRFTISADTSKNTAYLQMNSLRAEDTAVYYCARYSRYYYYAWRVGGYWGGLDYWGQGTLVTVFNQIKGP
SVFPLAPSSKSTSGGTAALGCLVKDYFPEPVTVSWNSGALTSGVHTFPAVLQSSGLYSLSSVVTVPSSSLGTQTYICNVN
HKPSNTKVDKKVEPKSCDKTHT
;
H
3 'polypeptide(L)'
;MKKNIAFLLASMFVFSIATNAYASDIQMTQSPSSLSASVGDRVTITCRASQSVSSAVAWYQQKPGKAPKLLIYSASSLYS
GVPSRFSGSRSGTDFTLTISSLQPEDFATYYCQQSSSSLITFGQGTKVEIKRTVAAPSVFIFPPSDSQLKSGTASVVCLL
NNFYPREAKVQWKVDNALQSGNSQESVTEQDSKDSTYSLSSTLTLSKADYEKHKVYACEVTHQGLSSPVTKSFNRGEC
;
L
#
# COMPACT_ATOMS: atom_id res chain seq x y z
N MET A 1 41.49 1.69 -28.22
CA MET A 1 40.49 2.45 -27.50
C MET A 1 39.13 1.78 -27.61
N ASN A 2 38.86 1.16 -28.75
CA ASN A 2 37.57 0.51 -28.95
C ASN A 2 37.36 -0.70 -28.05
N LYS A 3 38.40 -1.19 -27.39
CA LYS A 3 38.26 -2.24 -26.40
C LYS A 3 38.24 -1.71 -24.97
N GLN A 4 38.97 -0.63 -24.71
CA GLN A 4 38.90 0.00 -23.40
C GLN A 4 37.59 0.75 -23.21
N ILE A 5 37.17 1.49 -24.23
CA ILE A 5 35.92 2.23 -24.13
C ILE A 5 34.74 1.28 -24.03
N PHE A 6 34.81 0.12 -24.68
CA PHE A 6 33.72 -0.85 -24.57
C PHE A 6 33.61 -1.39 -23.16
N VAL A 7 34.73 -1.69 -22.51
CA VAL A 7 34.65 -2.23 -21.16
C VAL A 7 34.19 -1.16 -20.19
N LEU A 8 34.57 0.10 -20.41
CA LEU A 8 34.04 1.18 -19.57
C LEU A 8 32.53 1.33 -19.74
N TYR A 9 32.04 1.26 -20.97
CA TYR A 9 30.61 1.31 -21.22
C TYR A 9 29.90 0.13 -20.57
N PHE A 10 30.51 -1.05 -20.61
CA PHE A 10 29.91 -2.21 -19.96
C PHE A 10 29.83 -2.02 -18.46
N ASN A 11 30.85 -1.43 -17.86
CA ASN A 11 30.82 -1.19 -16.41
C ASN A 11 29.69 -0.25 -16.03
N ILE A 12 29.55 0.86 -16.77
CA ILE A 12 28.51 1.83 -16.44
C ILE A 12 27.12 1.22 -16.68
N PHE A 13 26.98 0.43 -17.75
CA PHE A 13 25.73 -0.26 -18.01
C PHE A 13 25.39 -1.22 -16.88
N LEU A 14 26.39 -1.95 -16.37
CA LEU A 14 26.14 -2.88 -15.27
C LEU A 14 25.65 -2.15 -14.02
N ILE A 15 26.27 -1.02 -13.70
CA ILE A 15 25.84 -0.26 -12.53
C ILE A 15 24.38 0.15 -12.67
N PHE A 16 24.03 0.72 -13.82
CA PHE A 16 22.67 1.23 -13.95
C PHE A 16 21.64 0.14 -14.20
N LEU A 17 22.07 -1.05 -14.63
CA LEU A 17 21.16 -2.19 -14.70
C LEU A 17 20.89 -2.74 -13.30
N GLY A 18 21.93 -2.82 -12.47
CA GLY A 18 21.73 -3.23 -11.10
C GLY A 18 20.87 -2.27 -10.33
N ILE A 19 20.90 -0.98 -10.67
CA ILE A 19 20.04 -0.01 -10.00
C ILE A 19 18.58 -0.37 -10.20
N GLY A 20 18.17 -0.61 -11.44
CA GLY A 20 16.78 -0.89 -11.73
C GLY A 20 16.34 -2.33 -11.57
N LEU A 21 17.28 -3.24 -11.33
CA LEU A 21 16.92 -4.65 -11.15
C LEU A 21 15.97 -4.89 -9.99
N VAL A 22 15.96 -4.02 -8.98
CA VAL A 22 15.27 -4.30 -7.73
C VAL A 22 13.79 -3.91 -7.75
N ILE A 23 13.33 -3.14 -8.73
CA ILE A 23 11.96 -2.63 -8.71
C ILE A 23 10.90 -3.73 -8.74
N PRO A 24 10.96 -4.70 -9.66
CA PRO A 24 9.87 -5.69 -9.71
C PRO A 24 9.79 -6.62 -8.49
N VAL A 25 10.85 -6.76 -7.70
CA VAL A 25 10.90 -7.77 -6.66
C VAL A 25 10.86 -7.18 -5.26
N LEU A 26 10.75 -5.86 -5.13
CA LEU A 26 10.72 -5.25 -3.80
C LEU A 26 9.53 -5.69 -2.96
N PRO A 27 8.28 -5.67 -3.46
CA PRO A 27 7.17 -6.17 -2.63
C PRO A 27 7.32 -7.62 -2.20
N VAL A 28 7.89 -8.46 -3.06
CA VAL A 28 8.11 -9.86 -2.68
C VAL A 28 9.06 -9.95 -1.50
N TYR A 29 10.15 -9.18 -1.54
CA TYR A 29 11.08 -9.16 -0.41
C TYR A 29 10.41 -8.65 0.85
N LEU A 30 9.60 -7.59 0.72
CA LEU A 30 8.92 -7.04 1.89
C LEU A 30 7.99 -8.06 2.52
N LYS A 31 7.21 -8.76 1.71
CA LYS A 31 6.28 -9.75 2.25
C LYS A 31 7.02 -10.95 2.84
N ASP A 32 8.06 -11.43 2.15
CA ASP A 32 8.80 -12.59 2.62
C ASP A 32 9.50 -12.30 3.94
N LEU A 33 10.08 -11.13 4.09
CA LEU A 33 10.83 -10.78 5.30
C LEU A 33 9.97 -10.12 6.37
N GLY A 34 8.70 -9.85 6.07
CA GLY A 34 7.82 -9.20 7.03
C GLY A 34 8.26 -7.79 7.39
N LEU A 35 8.59 -6.99 6.39
CA LEU A 35 9.09 -5.65 6.59
C LEU A 35 7.98 -4.62 6.44
N THR A 36 8.08 -3.55 7.22
CA THR A 36 7.07 -2.49 7.25
C THR A 36 7.30 -1.52 6.10
N GLY A 37 6.53 -0.41 6.09
CA GLY A 37 6.76 0.62 5.10
C GLY A 37 7.95 1.51 5.43
N SER A 38 8.23 1.69 6.71
CA SER A 38 9.44 2.41 7.11
C SER A 38 10.68 1.71 6.58
N ASP A 39 10.68 0.38 6.60
CA ASP A 39 11.78 -0.38 6.03
C ASP A 39 11.89 -0.16 4.53
N LEU A 40 10.76 -0.11 3.83
CA LEU A 40 10.80 0.13 2.38
C LEU A 40 11.38 1.51 2.07
N GLY A 41 10.95 2.53 2.81
CA GLY A 41 11.52 3.86 2.61
C GLY A 41 13.00 3.92 2.91
N LEU A 42 13.44 3.26 3.99
CA LEU A 42 14.86 3.22 4.30
C LEU A 42 15.65 2.50 3.22
N LEU A 43 15.11 1.39 2.71
CA LEU A 43 15.80 0.65 1.67
C LEU A 43 15.96 1.49 0.41
N VAL A 44 14.94 2.28 0.06
CA VAL A 44 15.09 3.18 -1.07
C VAL A 44 16.14 4.25 -0.79
N ALA A 45 16.13 4.81 0.43
CA ALA A 45 17.00 5.96 0.70
C ALA A 45 18.46 5.57 0.81
N ALA A 46 18.77 4.34 1.24
CA ALA A 46 20.13 3.97 1.59
C ALA A 46 21.08 4.03 0.40
N PHE A 47 20.65 3.48 -0.74
CA PHE A 47 21.50 3.47 -1.93
C PHE A 47 21.83 4.88 -2.38
N ALA A 48 20.81 5.75 -2.48
CA ALA A 48 21.01 7.11 -2.94
C ALA A 48 21.90 7.88 -1.98
N LEU A 49 21.69 7.72 -0.67
CA LEU A 49 22.51 8.44 0.29
C LEU A 49 23.97 7.99 0.23
N SER A 50 24.19 6.67 0.10
CA SER A 50 25.56 6.17 0.01
C SER A 50 26.26 6.69 -1.23
N GLN A 51 25.56 6.70 -2.38
CA GLN A 51 26.16 7.24 -3.59
C GLN A 51 26.46 8.73 -3.44
N MET A 52 25.53 9.49 -2.85
CA MET A 52 25.75 10.91 -2.61
C MET A 52 27.03 11.13 -1.82
N ILE A 53 27.20 10.39 -0.73
CA ILE A 53 28.35 10.62 0.15
C ILE A 53 29.64 10.15 -0.52
N ILE A 54 29.59 9.04 -1.25
CA ILE A 54 30.84 8.43 -1.71
C ILE A 54 31.35 9.07 -3.00
N SER A 55 30.47 9.56 -3.88
CA SER A 55 30.87 9.95 -5.23
C SER A 55 32.03 10.94 -5.29
N PRO A 56 32.04 12.07 -4.56
CA PRO A 56 33.18 12.98 -4.69
C PRO A 56 34.48 12.40 -4.19
N PHE A 57 34.45 11.66 -3.08
CA PHE A 57 35.64 11.01 -2.57
C PHE A 57 36.13 9.93 -3.53
N GLY A 58 35.21 9.17 -4.13
CA GLY A 58 35.60 8.20 -5.13
C GLY A 58 36.28 8.83 -6.31
N GLY A 59 35.73 9.96 -6.79
CA GLY A 59 36.38 10.65 -7.90
C GLY A 59 37.74 11.21 -7.54
N THR A 60 37.87 11.77 -6.34
CA THR A 60 39.15 12.27 -5.88
C THR A 60 40.18 11.15 -5.81
N LEU A 61 39.78 10.00 -5.27
CA LEU A 61 40.69 8.86 -5.20
C LEU A 61 41.07 8.35 -6.58
N ALA A 62 40.12 8.37 -7.52
CA ALA A 62 40.45 7.99 -8.88
C ALA A 62 41.46 8.93 -9.49
N ASP A 63 41.33 10.23 -9.23
CA ASP A 63 42.31 11.19 -9.69
C ASP A 63 43.68 10.92 -9.08
N LYS A 64 43.72 10.61 -7.79
CA LYS A 64 44.99 10.49 -7.09
C LYS A 64 45.70 9.17 -7.41
N LEU A 65 45.05 8.04 -7.13
CA LEU A 65 45.68 6.73 -7.22
C LEU A 65 45.46 6.04 -8.56
N GLY A 66 44.80 6.69 -9.52
CA GLY A 66 44.54 6.05 -10.79
C GLY A 66 43.11 5.57 -10.92
N LYS A 67 42.54 5.72 -12.12
CA LYS A 67 41.13 5.40 -12.30
C LYS A 67 40.87 3.90 -12.38
N LYS A 68 41.79 3.14 -12.97
CA LYS A 68 41.56 1.70 -13.15
C LYS A 68 41.40 0.99 -11.82
N LEU A 69 42.23 1.35 -10.83
CA LEU A 69 42.13 0.73 -9.51
C LEU A 69 40.78 1.02 -8.86
N ILE A 70 40.33 2.27 -8.91
CA ILE A 70 39.07 2.64 -8.29
C ILE A 70 37.90 1.95 -8.99
N ILE A 71 37.97 1.83 -10.32
CA ILE A 71 36.92 1.13 -11.06
C ILE A 71 36.87 -0.33 -10.67
N CYS A 72 38.04 -0.98 -10.55
CA CYS A 72 38.07 -2.39 -10.21
C CYS A 72 37.56 -2.64 -8.79
N ILE A 73 37.92 -1.78 -7.85
CA ILE A 73 37.41 -1.92 -6.48
C ILE A 73 35.90 -1.69 -6.46
N GLY A 74 35.41 -0.73 -7.25
CA GLY A 74 33.98 -0.51 -7.32
C GLY A 74 33.22 -1.69 -7.89
N LEU A 75 33.82 -2.37 -8.88
CA LEU A 75 33.20 -3.57 -9.43
C LEU A 75 33.17 -4.70 -8.40
N ILE A 76 34.23 -4.84 -7.61
CA ILE A 76 34.24 -5.81 -6.52
C ILE A 76 33.10 -5.52 -5.55
N LEU A 77 32.95 -4.23 -5.19
CA LEU A 77 31.90 -3.83 -4.26
C LEU A 77 30.52 -4.08 -4.85
N PHE A 78 30.36 -3.85 -6.15
CA PHE A 78 29.08 -4.12 -6.81
C PHE A 78 28.72 -5.58 -6.70
N SER A 79 29.69 -6.47 -6.98
CA SER A 79 29.41 -7.90 -6.88
C SER A 79 29.06 -8.30 -5.45
N VAL A 80 29.80 -7.76 -4.47
CA VAL A 80 29.52 -8.10 -3.09
C VAL A 80 28.12 -7.66 -2.70
N SER A 81 27.73 -6.45 -3.08
CA SER A 81 26.40 -5.93 -2.73
C SER A 81 25.29 -6.76 -3.38
N GLU A 82 25.46 -7.11 -4.66
CA GLU A 82 24.44 -7.89 -5.33
C GLU A 82 24.28 -9.27 -4.71
N PHE A 83 25.40 -9.92 -4.38
CA PHE A 83 25.32 -11.22 -3.72
C PHE A 83 24.70 -11.11 -2.33
N MET A 84 25.04 -10.05 -1.60
CA MET A 84 24.48 -9.83 -0.28
C MET A 84 22.97 -9.67 -0.33
N PHE A 85 22.47 -8.98 -1.36
CA PHE A 85 21.03 -8.89 -1.55
C PHE A 85 20.44 -10.22 -1.99
N ALA A 86 21.19 -11.00 -2.77
CA ALA A 86 20.69 -12.31 -3.22
C ALA A 86 20.47 -13.26 -2.05
N VAL A 87 21.39 -13.27 -1.08
CA VAL A 87 21.31 -14.21 0.03
C VAL A 87 20.76 -13.59 1.30
N GLY A 88 20.36 -12.32 1.27
CA GLY A 88 19.92 -11.65 2.47
C GLY A 88 18.53 -12.02 2.95
N HIS A 89 18.43 -12.49 4.19
CA HIS A 89 17.15 -12.85 4.78
C HIS A 89 16.83 -11.98 5.98
N ASN A 90 17.51 -10.86 6.13
CA ASN A 90 17.35 -9.96 7.26
C ASN A 90 17.33 -8.52 6.75
N PHE A 91 16.72 -7.63 7.53
CA PHE A 91 16.67 -6.23 7.12
C PHE A 91 18.06 -5.60 7.16
N SER A 92 18.87 -5.96 8.17
CA SER A 92 20.20 -5.37 8.28
C SER A 92 21.09 -5.78 7.10
N VAL A 93 20.98 -7.03 6.67
CA VAL A 93 21.75 -7.50 5.53
C VAL A 93 21.33 -6.77 4.27
N LEU A 94 20.02 -6.53 4.10
CA LEU A 94 19.54 -5.79 2.94
C LEU A 94 20.01 -4.34 2.95
N MET A 95 19.98 -3.70 4.12
CA MET A 95 20.46 -2.33 4.21
C MET A 95 21.95 -2.23 3.93
N LEU A 96 22.73 -3.19 4.44
CA LEU A 96 24.15 -3.22 4.14
C LEU A 96 24.38 -3.43 2.64
N SER A 97 23.57 -4.28 2.01
CA SER A 97 23.69 -4.47 0.57
C SER A 97 23.41 -3.18 -0.19
N ARG A 98 22.37 -2.44 0.21
CA ARG A 98 22.07 -1.17 -0.45
C ARG A 98 23.20 -0.16 -0.26
N VAL A 99 23.76 -0.10 0.94
CA VAL A 99 24.87 0.82 1.22
C VAL A 99 26.09 0.48 0.38
N ILE A 100 26.43 -0.82 0.30
CA ILE A 100 27.57 -1.23 -0.49
C ILE A 100 27.34 -0.94 -1.97
N GLY A 101 26.10 -1.12 -2.44
CA GLY A 101 25.79 -0.82 -3.82
C GLY A 101 25.91 0.66 -4.14
N GLY A 102 25.45 1.52 -3.22
CA GLY A 102 25.61 2.94 -3.41
C GLY A 102 27.07 3.36 -3.43
N MET A 103 27.87 2.80 -2.52
CA MET A 103 29.29 3.11 -2.50
C MET A 103 29.97 2.63 -3.78
N SER A 104 29.58 1.45 -4.28
CA SER A 104 30.13 0.95 -5.53
C SER A 104 29.78 1.86 -6.69
N ALA A 105 28.54 2.35 -6.74
CA ALA A 105 28.16 3.29 -7.80
C ALA A 105 28.97 4.57 -7.71
N GLY A 106 29.12 5.11 -6.50
CA GLY A 106 29.90 6.32 -6.30
C GLY A 106 31.38 6.13 -6.53
N MET A 107 31.85 4.90 -6.62
CA MET A 107 33.23 4.65 -7.02
C MET A 107 33.36 4.39 -8.52
N VAL A 108 32.38 3.73 -9.13
CA VAL A 108 32.51 3.32 -10.53
C VAL A 108 32.18 4.48 -11.46
N MET A 109 31.08 5.18 -11.22
CA MET A 109 30.67 6.23 -12.15
C MET A 109 31.68 7.36 -12.26
N PRO A 110 32.19 7.96 -11.18
CA PRO A 110 33.24 8.98 -11.34
C PRO A 110 34.48 8.49 -12.06
N GLY A 111 34.92 7.26 -11.74
CA GLY A 111 36.11 6.73 -12.39
C GLY A 111 35.92 6.48 -13.87
N VAL A 112 34.78 5.91 -14.24
CA VAL A 112 34.50 5.65 -15.65
C VAL A 112 34.38 6.95 -16.42
N THR A 113 33.69 7.95 -15.84
CA THR A 113 33.58 9.24 -16.49
C THR A 113 34.95 9.87 -16.70
N GLY A 114 35.78 9.88 -15.65
CA GLY A 114 37.10 10.46 -15.77
C GLY A 114 37.98 9.75 -16.78
N LEU A 115 37.92 8.42 -16.81
CA LEU A 115 38.75 7.67 -17.76
C LEU A 115 38.28 7.90 -19.19
N ILE A 116 36.98 7.91 -19.43
CA ILE A 116 36.48 8.16 -20.78
C ILE A 116 36.85 9.56 -21.24
N ALA A 117 36.85 10.52 -20.31
CA ALA A 117 37.32 11.86 -20.65
C ALA A 117 38.81 11.86 -20.97
N ASP A 118 39.60 11.08 -20.23
CA ASP A 118 41.05 11.13 -20.38
C ASP A 118 41.52 10.46 -21.66
N ILE A 119 40.92 9.33 -22.03
CA ILE A 119 41.41 8.56 -23.16
C ILE A 119 40.71 8.99 -24.44
N SER A 120 40.02 10.11 -24.39
CA SER A 120 39.33 10.53 -25.60
C SER A 120 40.08 11.68 -26.27
N PRO A 121 40.23 11.64 -27.60
CA PRO A 121 40.73 12.82 -28.30
C PRO A 121 39.79 14.00 -28.12
N SER A 122 40.36 15.20 -28.15
CA SER A 122 39.59 16.40 -27.82
C SER A 122 38.36 16.55 -28.70
N HIS A 123 38.41 16.05 -29.93
CA HIS A 123 37.30 16.17 -30.86
C HIS A 123 36.32 15.01 -30.77
N GLN A 124 36.52 14.08 -29.85
CA GLN A 124 35.66 12.92 -29.70
C GLN A 124 35.00 12.82 -28.34
N LYS A 125 35.29 13.73 -27.42
CA LYS A 125 34.76 13.62 -26.06
C LYS A 125 33.25 13.72 -26.03
N ALA A 126 32.66 14.65 -26.79
CA ALA A 126 31.22 14.85 -26.77
C ALA A 126 30.49 13.61 -27.28
N LYS A 127 30.98 13.02 -28.36
CA LYS A 127 30.36 11.81 -28.88
C LYS A 127 30.41 10.68 -27.87
N ASN A 128 31.55 10.54 -27.18
CA ASN A 128 31.68 9.50 -26.17
C ASN A 128 30.73 9.72 -25.00
N PHE A 129 30.55 10.97 -24.59
CA PHE A 129 29.64 11.24 -23.48
C PHE A 129 28.18 11.04 -23.88
N GLY A 130 27.83 11.37 -25.12
CA GLY A 130 26.49 11.06 -25.60
C GLY A 130 26.24 9.57 -25.65
N TYR A 131 27.24 8.80 -26.09
CA TYR A 131 27.13 7.34 -26.05
C TYR A 131 26.96 6.85 -24.61
N MET A 132 27.71 7.44 -23.68
CA MET A 132 27.61 7.02 -22.28
C MET A 132 26.22 7.28 -21.73
N SER A 133 25.63 8.42 -22.06
CA SER A 133 24.28 8.72 -21.59
C SER A 133 23.25 7.75 -22.18
N ALA A 134 23.40 7.42 -23.46
CA ALA A 134 22.52 6.43 -24.05
C ALA A 134 22.66 5.08 -23.37
N ILE A 135 23.89 4.69 -23.02
CA ILE A 135 24.13 3.42 -22.34
C ILE A 135 23.51 3.43 -20.94
N ILE A 136 23.62 4.55 -20.23
CA ILE A 136 23.01 4.68 -18.91
C ILE A 136 21.50 4.50 -19.02
N ASN A 137 20.88 5.17 -20.00
CA ASN A 137 19.44 5.04 -20.18
C ASN A 137 19.05 3.61 -20.53
N SER A 138 19.83 2.95 -21.38
CA SER A 138 19.54 1.56 -21.73
C SER A 138 19.62 0.65 -20.53
N GLY A 139 20.60 0.86 -19.66
CA GLY A 139 20.66 0.09 -18.42
C GLY A 139 19.46 0.33 -17.54
N PHE A 140 19.02 1.59 -17.43
CA PHE A 140 17.81 1.90 -16.67
C PHE A 140 16.60 1.16 -17.25
N ILE A 141 16.47 1.14 -18.58
CA ILE A 141 15.35 0.46 -19.22
C ILE A 141 15.39 -1.03 -18.94
N LEU A 142 16.57 -1.64 -19.13
CA LEU A 142 16.66 -3.09 -19.10
C LEU A 142 16.70 -3.67 -17.69
N GLY A 143 17.01 -2.86 -16.68
CA GLY A 143 17.04 -3.34 -15.32
C GLY A 143 15.77 -4.04 -14.88
N PRO A 144 14.67 -3.30 -14.80
CA PRO A 144 13.41 -3.92 -14.37
C PRO A 144 12.91 -5.03 -15.28
N GLY A 145 13.15 -4.95 -16.59
CA GLY A 145 12.70 -6.00 -17.48
C GLY A 145 13.36 -7.34 -17.19
N ILE A 146 14.69 -7.33 -17.04
CA ILE A 146 15.40 -8.56 -16.69
C ILE A 146 15.07 -8.99 -15.27
N GLY A 147 14.92 -8.02 -14.36
CA GLY A 147 14.57 -8.36 -12.99
C GLY A 147 13.24 -9.07 -12.87
N GLY A 148 12.25 -8.61 -13.65
CA GLY A 148 10.95 -9.27 -13.64
C GLY A 148 10.92 -10.55 -14.45
N PHE A 149 11.76 -10.65 -15.49
CA PHE A 149 11.79 -11.88 -16.26
C PHE A 149 12.44 -13.02 -15.48
N MET A 150 13.45 -12.70 -14.67
CA MET A 150 14.19 -13.72 -13.92
C MET A 150 13.66 -13.91 -12.51
N ALA A 151 12.58 -13.21 -12.14
CA ALA A 151 11.92 -13.43 -10.86
C ALA A 151 10.83 -14.49 -10.95
N GLU A 152 10.59 -15.04 -12.14
CA GLU A 152 9.58 -16.08 -12.28
C GLU A 152 10.04 -17.43 -11.75
N VAL A 153 11.33 -17.57 -11.43
CA VAL A 153 11.82 -18.81 -10.84
C VAL A 153 12.09 -18.58 -9.36
N SER A 154 12.52 -17.36 -9.02
CA SER A 154 12.81 -16.96 -7.66
C SER A 154 13.07 -15.47 -7.64
N HIS A 155 12.63 -14.79 -6.59
CA HIS A 155 12.86 -13.36 -6.47
C HIS A 155 14.29 -13.01 -6.09
N ARG A 156 15.16 -14.01 -5.95
CA ARG A 156 16.56 -13.78 -5.62
C ARG A 156 17.51 -14.10 -6.77
N MET A 157 17.04 -14.75 -7.83
CA MET A 157 17.89 -15.03 -8.98
C MET A 157 18.45 -13.77 -9.66
N PRO A 158 17.70 -12.68 -9.83
CA PRO A 158 18.30 -11.51 -10.47
C PRO A 158 19.59 -11.03 -9.83
N PHE A 159 19.69 -11.10 -8.50
CA PHE A 159 20.87 -10.60 -7.83
C PHE A 159 22.05 -11.57 -7.90
N TYR A 160 21.78 -12.88 -7.97
CA TYR A 160 22.85 -13.81 -8.30
C TYR A 160 23.40 -13.53 -9.70
N PHE A 161 22.50 -13.30 -10.66
CA PHE A 161 22.92 -12.97 -12.02
C PHE A 161 23.73 -11.67 -12.05
N ALA A 162 23.28 -10.67 -11.29
CA ALA A 162 23.97 -9.38 -11.26
C ALA A 162 25.35 -9.51 -10.62
N GLY A 163 25.47 -10.30 -9.55
CA GLY A 163 26.77 -10.53 -8.96
C GLY A 163 27.73 -11.23 -9.90
N ALA A 164 27.22 -12.23 -10.62
CA ALA A 164 28.05 -12.91 -11.62
C ALA A 164 28.52 -11.94 -12.70
N LEU A 165 27.61 -11.07 -13.17
CA LEU A 165 27.99 -10.08 -14.17
C LEU A 165 29.02 -9.11 -13.62
N GLY A 166 28.92 -8.76 -12.34
CA GLY A 166 29.93 -7.92 -11.72
C GLY A 166 31.30 -8.58 -11.69
N ILE A 167 31.32 -9.89 -11.42
CA ILE A 167 32.58 -10.63 -11.45
C ILE A 167 33.18 -10.60 -12.86
N LEU A 168 32.35 -10.86 -13.87
CA LEU A 168 32.86 -10.83 -15.25
C LEU A 168 33.37 -9.45 -15.62
N ALA A 169 32.64 -8.39 -15.23
CA ALA A 169 33.07 -7.04 -15.53
C ALA A 169 34.38 -6.70 -14.85
N PHE A 170 34.56 -7.13 -13.60
CA PHE A 170 35.82 -6.89 -12.91
C PHE A 170 36.98 -7.57 -13.61
N ILE A 171 36.79 -8.83 -14.03
CA ILE A 171 37.86 -9.53 -14.75
C ILE A 171 38.18 -8.83 -16.06
N MET A 172 37.15 -8.43 -16.79
CA MET A 172 37.35 -7.75 -18.06
C MET A 172 38.07 -6.42 -17.88
N SER A 173 37.72 -5.67 -16.84
CA SER A 173 38.39 -4.40 -16.57
C SER A 173 39.84 -4.60 -16.19
N ILE A 174 40.13 -5.64 -15.39
CA ILE A 174 41.51 -5.90 -15.02
C ILE A 174 42.35 -6.24 -16.24
N VAL A 175 41.81 -7.10 -17.12
CA VAL A 175 42.57 -7.54 -18.28
C VAL A 175 42.72 -6.41 -19.31
N LEU A 176 41.64 -5.68 -19.59
CA LEU A 176 41.57 -4.85 -20.80
C LEU A 176 41.89 -3.39 -20.58
N ILE A 177 41.64 -2.82 -19.41
CA ILE A 177 41.94 -1.41 -19.19
C ILE A 177 43.44 -1.23 -19.06
N HIS A 178 44.00 -0.33 -19.86
CA HIS A 178 45.44 -0.11 -19.85
C HIS A 178 45.89 0.50 -18.53
N ASP A 179 47.02 0.02 -18.02
CA ASP A 179 47.60 0.61 -16.83
C ASP A 179 48.06 2.03 -17.14
N PRO A 180 47.95 2.94 -16.17
CA PRO A 180 48.29 4.35 -16.43
C PRO A 180 49.75 4.50 -16.84
N LYS A 181 49.98 5.39 -17.80
CA LYS A 181 51.34 5.64 -18.27
C LYS A 181 52.16 6.34 -17.20
N LYS A 182 51.72 7.53 -16.79
CA LYS A 182 52.40 8.31 -15.75
C LYS A 182 51.36 9.08 -14.97
N SER A 183 51.53 9.10 -13.64
CA SER A 183 50.60 9.78 -12.73
C SER A 183 49.16 9.30 -12.93
N LYS A 198 39.88 22.10 -11.19
CA LYS A 198 40.95 22.53 -10.29
C LYS A 198 40.50 22.49 -8.83
N ILE A 199 41.40 22.90 -7.93
CA ILE A 199 41.07 22.95 -6.51
C ILE A 199 40.13 24.11 -6.21
N ASN A 200 39.99 25.07 -7.11
CA ASN A 200 39.14 26.22 -6.88
C ASN A 200 37.67 25.81 -6.89
N TRP A 201 36.95 26.17 -5.83
CA TRP A 201 35.51 25.90 -5.74
C TRP A 201 34.69 27.05 -6.31
N LYS A 202 35.01 27.47 -7.53
CA LYS A 202 34.28 28.57 -8.15
C LYS A 202 33.87 28.20 -9.56
N VAL A 203 34.62 27.31 -10.20
CA VAL A 203 34.25 26.86 -11.54
C VAL A 203 33.19 25.77 -11.50
N PHE A 204 33.04 25.09 -10.37
CA PHE A 204 32.11 23.99 -10.24
C PHE A 204 30.76 24.39 -9.69
N ILE A 205 30.55 25.67 -9.34
CA ILE A 205 29.32 26.06 -8.68
C ILE A 205 28.14 26.02 -9.65
N THR A 206 28.29 26.66 -10.81
CA THR A 206 27.19 26.67 -11.76
C THR A 206 26.82 25.28 -12.30
N PRO A 207 27.74 24.37 -12.65
CA PRO A 207 27.29 23.06 -13.12
C PRO A 207 26.62 22.24 -12.04
N VAL A 208 27.07 22.32 -10.78
CA VAL A 208 26.41 21.55 -9.73
C VAL A 208 25.03 22.11 -9.46
N ILE A 209 24.89 23.44 -9.44
CA ILE A 209 23.56 24.03 -9.24
C ILE A 209 22.63 23.65 -10.39
N LEU A 210 23.14 23.70 -11.62
CA LEU A 210 22.33 23.35 -12.78
C LEU A 210 21.88 21.90 -12.72
N THR A 211 22.81 20.98 -12.46
CA THR A 211 22.45 19.57 -12.43
C THR A 211 21.51 19.26 -11.27
N LEU A 212 21.67 19.93 -10.13
CA LEU A 212 20.79 19.69 -8.99
C LEU A 212 19.38 20.16 -9.30
N VAL A 213 19.23 21.39 -9.78
CA VAL A 213 17.90 21.93 -10.08
C VAL A 213 17.22 21.11 -11.16
N LEU A 214 17.96 20.79 -12.22
CA LEU A 214 17.39 20.03 -13.32
C LEU A 214 16.98 18.63 -12.88
N SER A 215 17.82 17.97 -12.09
CA SER A 215 17.48 16.62 -11.61
C SER A 215 16.25 16.67 -10.70
N PHE A 216 16.22 17.63 -9.79
CA PHE A 216 15.10 17.73 -8.86
C PHE A 216 13.79 17.94 -9.61
N GLY A 217 13.79 18.79 -10.63
CA GLY A 217 12.55 19.03 -11.34
C GLY A 217 12.20 18.01 -12.40
N LEU A 218 13.19 17.28 -12.92
CA LEU A 218 12.94 16.34 -14.00
C LEU A 218 12.63 14.94 -13.50
N SER A 219 13.29 14.49 -12.42
CA SER A 219 12.91 13.21 -11.82
C SER A 219 11.49 13.25 -11.29
N ALA A 220 11.03 14.43 -10.87
CA ALA A 220 9.66 14.60 -10.43
C ALA A 220 8.68 14.23 -11.54
N PHE A 221 8.92 14.71 -12.75
CA PHE A 221 8.06 14.42 -13.88
C PHE A 221 8.28 13.01 -14.42
N GLU A 222 9.51 12.50 -14.37
CA GLU A 222 9.79 11.18 -14.92
C GLU A 222 9.21 10.07 -14.05
N THR A 223 9.33 10.20 -12.73
CA THR A 223 8.88 9.13 -11.84
C THR A 223 7.36 9.03 -11.81
N LEU A 224 6.68 10.17 -11.85
CA LEU A 224 5.23 10.22 -11.74
C LEU A 224 4.54 10.29 -13.09
N TYR A 225 5.25 9.99 -14.18
CA TYR A 225 4.65 10.09 -15.50
C TYR A 225 3.54 9.07 -15.68
N SER A 226 3.78 7.81 -15.27
CA SER A 226 2.77 6.77 -15.43
C SER A 226 1.54 7.06 -14.59
N LEU A 227 1.73 7.49 -13.34
CA LEU A 227 0.60 7.84 -12.49
C LEU A 227 -0.19 9.00 -13.07
N TYR A 228 0.52 10.01 -13.58
CA TYR A 228 -0.15 11.17 -14.17
C TYR A 228 -0.96 10.77 -15.41
N THR A 229 -0.39 9.93 -16.27
CA THR A 229 -1.09 9.53 -17.49
C THR A 229 -2.28 8.63 -17.17
N ALA A 230 -2.15 7.76 -16.17
CA ALA A 230 -3.27 6.93 -15.76
C ALA A 230 -4.39 7.78 -15.16
N ASP A 231 -4.04 8.80 -14.37
CA ASP A 231 -5.04 9.63 -13.72
C ASP A 231 -5.62 10.71 -14.63
N LYS A 232 -5.00 10.96 -15.79
CA LYS A 232 -5.45 12.04 -16.67
C LYS A 232 -6.19 11.54 -17.90
N VAL A 233 -5.65 10.56 -18.61
CA VAL A 233 -6.15 10.23 -19.93
C VAL A 233 -6.46 8.73 -19.99
N ASN A 234 -6.43 8.07 -18.82
CA ASN A 234 -6.76 6.67 -18.70
C ASN A 234 -5.86 5.79 -19.57
N TYR A 235 -4.59 5.78 -19.22
CA TYR A 235 -3.59 5.03 -19.95
C TYR A 235 -3.44 3.64 -19.33
N SER A 236 -3.71 2.61 -20.13
CA SER A 236 -3.44 1.25 -19.70
C SER A 236 -1.93 1.05 -19.64
N PRO A 237 -1.47 0.02 -18.93
CA PRO A 237 -0.02 -0.23 -18.87
C PRO A 237 0.64 -0.37 -20.23
N LYS A 238 -0.05 -0.94 -21.22
CA LYS A 238 0.54 -1.05 -22.55
C LYS A 238 0.67 0.31 -23.21
N ASP A 239 -0.28 1.22 -22.96
CA ASP A 239 -0.17 2.57 -23.51
C ASP A 239 1.00 3.32 -22.89
N ILE A 240 1.19 3.20 -21.57
CA ILE A 240 2.33 3.82 -20.92
C ILE A 240 3.63 3.23 -21.44
N SER A 241 3.66 1.92 -21.66
CA SER A 241 4.85 1.29 -22.23
C SER A 241 5.14 1.84 -23.62
N ILE A 242 4.10 1.99 -24.45
CA ILE A 242 4.30 2.52 -25.80
C ILE A 242 4.88 3.93 -25.73
N ALA A 243 4.29 4.78 -24.88
CA ALA A 243 4.78 6.15 -24.77
C ALA A 243 6.22 6.20 -24.29
N ILE A 244 6.55 5.41 -23.26
CA ILE A 244 7.90 5.41 -22.71
C ILE A 244 8.90 4.91 -23.74
N THR A 245 8.56 3.84 -24.47
CA THR A 245 9.48 3.31 -25.46
C THR A 245 9.68 4.29 -26.62
N GLY A 246 8.62 4.96 -27.06
CA GLY A 246 8.78 5.95 -28.11
C GLY A 246 9.66 7.10 -27.68
N GLY A 247 9.44 7.61 -26.47
CA GLY A 247 10.29 8.66 -25.95
C GLY A 247 11.74 8.23 -25.83
N GLY A 248 11.97 7.01 -25.34
CA GLY A 248 13.33 6.52 -25.21
C GLY A 248 14.02 6.33 -26.54
N ILE A 249 13.30 5.84 -27.54
CA ILE A 249 13.87 5.68 -28.87
C ILE A 249 14.28 7.02 -29.45
N PHE A 250 13.39 8.02 -29.35
CA PHE A 250 13.73 9.34 -29.88
C PHE A 250 14.91 9.95 -29.14
N GLY A 251 14.93 9.83 -27.81
CA GLY A 251 16.03 10.37 -27.04
C GLY A 251 17.35 9.70 -27.35
N ALA A 252 17.35 8.38 -27.50
CA ALA A 252 18.57 7.67 -27.86
C ALA A 252 19.06 8.05 -29.24
N LEU A 253 18.13 8.19 -30.19
CA LEU A 253 18.51 8.60 -31.54
C LEU A 253 19.17 9.97 -31.52
N PHE A 254 18.64 10.90 -30.71
CA PHE A 254 19.23 12.23 -30.66
C PHE A 254 20.55 12.22 -29.90
N GLN A 255 20.66 11.40 -28.85
CA GLN A 255 21.90 11.32 -28.07
C GLN A 255 23.04 10.74 -28.88
N ILE A 256 22.77 9.71 -29.68
CA ILE A 256 23.84 9.01 -30.39
C ILE A 256 24.27 9.78 -31.63
N TYR A 257 23.32 10.32 -32.40
CA TYR A 257 23.62 10.86 -33.72
C TYR A 257 23.74 12.38 -33.75
N PHE A 258 22.88 13.11 -33.05
CA PHE A 258 22.82 14.56 -33.19
C PHE A 258 23.55 15.32 -32.10
N PHE A 259 23.82 14.70 -30.95
CA PHE A 259 24.38 15.45 -29.83
C PHE A 259 25.74 16.03 -30.16
N ASP A 260 26.60 15.26 -30.81
CA ASP A 260 27.94 15.75 -31.14
C ASP A 260 27.90 16.80 -32.23
N LYS A 261 26.98 16.69 -33.18
CA LYS A 261 26.84 17.72 -34.20
C LYS A 261 26.41 19.04 -33.58
N PHE A 262 25.48 19.00 -32.63
CA PHE A 262 25.11 20.20 -31.89
C PHE A 262 26.28 20.75 -31.09
N MET A 263 27.20 19.88 -30.67
CA MET A 263 28.31 20.32 -29.84
C MET A 263 29.32 21.13 -30.64
N LYS A 264 29.54 20.76 -31.89
CA LYS A 264 30.43 21.54 -32.75
C LYS A 264 29.82 22.90 -33.08
N TYR A 265 28.54 22.91 -33.46
CA TYR A 265 27.88 24.15 -33.86
C TYR A 265 27.74 25.11 -32.67
N PHE A 266 27.03 24.69 -31.63
CA PHE A 266 26.76 25.54 -30.48
C PHE A 266 27.83 25.34 -29.41
N SER A 267 27.71 26.08 -28.32
CA SER A 267 28.48 25.86 -27.12
C SER A 267 27.66 25.00 -26.15
N GLU A 268 28.26 24.65 -25.02
CA GLU A 268 27.52 23.87 -24.03
C GLU A 268 26.38 24.67 -23.43
N LEU A 269 26.65 25.92 -23.05
CA LEU A 269 25.65 26.74 -22.38
C LEU A 269 24.52 27.13 -23.33
N THR A 270 24.85 27.53 -24.55
CA THR A 270 23.83 27.89 -25.53
C THR A 270 22.95 26.69 -25.85
N PHE A 271 23.57 25.52 -26.01
CA PHE A 271 22.80 24.31 -26.30
C PHE A 271 21.89 23.95 -25.13
N ILE A 272 22.40 24.07 -23.90
CA ILE A 272 21.57 23.76 -22.73
C ILE A 272 20.38 24.70 -22.65
N ALA A 273 20.61 26.00 -22.90
CA ALA A 273 19.51 26.96 -22.86
C ALA A 273 18.46 26.66 -23.92
N TRP A 274 18.89 26.32 -25.14
CA TRP A 274 17.93 26.03 -26.19
C TRP A 274 17.15 24.75 -25.89
N SER A 275 17.83 23.73 -25.35
CA SER A 275 17.14 22.50 -24.98
C SER A 275 16.12 22.76 -23.88
N LEU A 276 16.47 23.60 -22.90
CA LEU A 276 15.52 23.92 -21.84
C LEU A 276 14.32 24.69 -22.36
N LEU A 277 14.53 25.62 -23.30
CA LEU A 277 13.40 26.34 -23.88
C LEU A 277 12.49 25.40 -24.66
N TYR A 278 13.07 24.48 -25.44
CA TYR A 278 12.27 23.48 -26.12
C TYR A 278 11.46 22.65 -25.13
N SER A 279 12.11 22.26 -24.03
CA SER A 279 11.43 21.46 -23.01
C SER A 279 10.26 22.23 -22.41
N VAL A 280 10.46 23.52 -22.13
CA VAL A 280 9.37 24.33 -21.57
C VAL A 280 8.19 24.37 -22.54
N VAL A 281 8.49 24.60 -23.82
CA VAL A 281 7.41 24.69 -24.81
C VAL A 281 6.62 23.38 -24.87
N VAL A 282 7.33 22.26 -24.97
CA VAL A 282 6.65 20.98 -25.12
C VAL A 282 5.91 20.59 -23.84
N LEU A 283 6.46 20.94 -22.68
CA LEU A 283 5.77 20.66 -21.42
C LEU A 283 4.47 21.46 -21.31
N ILE A 284 4.51 22.73 -21.70
CA ILE A 284 3.29 23.54 -21.73
C ILE A 284 2.28 22.92 -22.68
N LEU A 285 2.75 22.48 -23.85
CA LEU A 285 1.85 21.81 -24.80
C LEU A 285 1.26 20.53 -24.21
N LEU A 286 2.02 19.85 -23.35
CA LEU A 286 1.52 18.63 -22.71
C LEU A 286 0.48 18.94 -21.64
N VAL A 287 0.61 20.06 -20.94
CA VAL A 287 -0.39 20.43 -19.93
C VAL A 287 -1.75 20.64 -20.59
N PHE A 288 -1.79 21.32 -21.73
CA PHE A 288 -3.02 21.67 -22.42
C PHE A 288 -3.52 20.57 -23.34
N ALA A 289 -3.08 19.33 -23.14
CA ALA A 289 -3.51 18.20 -23.97
C ALA A 289 -4.29 17.22 -23.11
N ASN A 290 -5.51 16.89 -23.55
CA ASN A 290 -6.35 15.94 -22.84
C ASN A 290 -6.79 14.76 -23.70
N ASP A 291 -6.42 14.73 -24.97
CA ASP A 291 -6.77 13.65 -25.86
C ASP A 291 -5.77 12.51 -25.71
N TYR A 292 -6.19 11.30 -26.07
CA TYR A 292 -5.30 10.14 -26.02
C TYR A 292 -4.15 10.30 -26.99
N TRP A 293 -4.46 10.57 -28.26
CA TRP A 293 -3.43 10.66 -29.28
C TRP A 293 -2.58 11.91 -29.11
N SER A 294 -3.18 13.00 -28.63
CA SER A 294 -2.40 14.19 -28.33
C SER A 294 -1.36 13.92 -27.25
N ILE A 295 -1.78 13.25 -26.17
CA ILE A 295 -0.85 12.92 -25.10
C ILE A 295 0.24 11.98 -25.59
N MET A 296 -0.13 11.00 -26.42
CA MET A 296 0.88 10.07 -26.97
C MET A 296 1.91 10.81 -27.81
N LEU A 297 1.45 11.66 -28.73
CA LEU A 297 2.37 12.36 -29.62
C LEU A 297 3.26 13.33 -28.86
N ILE A 298 2.72 14.02 -27.85
CA ILE A 298 3.56 14.91 -27.06
C ILE A 298 4.56 14.11 -26.22
N SER A 299 4.13 12.97 -25.67
CA SER A 299 5.04 12.14 -24.89
C SER A 299 6.19 11.62 -25.73
N PHE A 300 5.96 11.42 -27.02
CA PHE A 300 7.03 10.92 -27.87
C PHE A 300 8.21 11.90 -27.96
N VAL A 301 7.95 13.20 -27.81
CA VAL A 301 8.96 14.22 -28.06
C VAL A 301 9.20 15.12 -26.86
N VAL A 302 8.59 14.84 -25.71
CA VAL A 302 8.68 15.74 -24.58
C VAL A 302 9.97 15.59 -23.79
N PHE A 303 10.77 14.56 -24.07
CA PHE A 303 11.96 14.27 -23.28
C PHE A 303 13.26 14.46 -24.06
N ILE A 304 13.19 14.93 -25.30
CA ILE A 304 14.38 14.97 -26.15
C ILE A 304 15.40 15.96 -25.60
N GLY A 305 14.97 17.17 -25.26
CA GLY A 305 15.87 18.14 -24.70
C GLY A 305 16.46 17.71 -23.36
N PHE A 306 15.62 17.11 -22.51
CA PHE A 306 16.12 16.57 -21.26
C PHE A 306 17.10 15.43 -21.50
N ASP A 307 16.84 14.60 -22.51
CA ASP A 307 17.73 13.49 -22.80
C ASP A 307 19.07 13.97 -23.34
N MET A 308 19.10 15.15 -23.95
CA MET A 308 20.37 15.70 -24.44
C MET A 308 21.04 16.61 -23.42
N ILE A 309 20.34 17.05 -22.38
CA ILE A 309 20.93 17.93 -21.38
C ILE A 309 21.96 17.18 -20.53
N ARG A 310 21.69 15.91 -20.21
CA ARG A 310 22.63 15.16 -19.37
C ARG A 310 24.02 14.99 -19.99
N PRO A 311 24.17 14.52 -21.24
CA PRO A 311 25.51 14.50 -21.83
C PRO A 311 26.13 15.88 -21.93
N ALA A 312 25.32 16.92 -22.15
CA ALA A 312 25.84 18.27 -22.21
C ALA A 312 26.39 18.70 -20.86
N ILE A 313 25.71 18.36 -19.77
CA ILE A 313 26.20 18.72 -18.44
C ILE A 313 27.47 17.93 -18.10
N THR A 314 27.52 16.65 -18.49
CA THR A 314 28.75 15.88 -18.31
C THR A 314 29.91 16.49 -19.07
N ASN A 315 29.65 16.91 -20.32
CA ASN A 315 30.70 17.54 -21.12
C ASN A 315 31.14 18.88 -20.51
N TYR A 316 30.20 19.65 -19.99
CA TYR A 316 30.56 20.92 -19.34
C TYR A 316 31.41 20.68 -18.10
N PHE A 317 31.03 19.71 -17.28
CA PHE A 317 31.85 19.34 -16.12
C PHE A 317 33.25 18.93 -16.55
N SER A 318 33.35 18.13 -17.61
CA SER A 318 34.66 17.71 -18.10
C SER A 318 35.48 18.89 -18.58
N ASN A 319 34.86 19.82 -19.30
CA ASN A 319 35.59 20.93 -19.89
C ASN A 319 36.11 21.89 -18.82
N ILE A 320 35.27 22.23 -17.83
CA ILE A 320 35.69 23.20 -16.82
C ILE A 320 36.75 22.61 -15.89
N ALA A 321 36.92 21.30 -15.88
CA ALA A 321 37.93 20.68 -15.04
C ALA A 321 39.28 20.65 -15.77
N GLY A 322 40.32 20.35 -15.00
CA GLY A 322 41.65 20.22 -15.58
C GLY A 322 42.13 18.78 -15.54
N GLU A 323 42.95 18.46 -14.54
CA GLU A 323 43.35 17.10 -14.24
C GLU A 323 42.46 16.45 -13.19
N ARG A 324 41.26 16.98 -12.98
CA ARG A 324 40.34 16.48 -11.97
C ARG A 324 39.05 16.00 -12.62
N GLN A 325 39.17 15.18 -13.67
CA GLN A 325 38.00 14.64 -14.34
C GLN A 325 37.21 13.73 -13.40
N GLY A 326 37.90 12.94 -12.58
CA GLY A 326 37.21 12.09 -11.62
C GLY A 326 36.41 12.88 -10.61
N PHE A 327 36.96 14.00 -10.15
CA PHE A 327 36.22 14.85 -9.21
C PHE A 327 34.97 15.44 -9.85
N ALA A 328 35.08 15.85 -11.12
CA ALA A 328 33.90 16.36 -11.83
C ALA A 328 32.84 15.28 -11.97
N GLY A 329 33.26 14.05 -12.30
CA GLY A 329 32.31 12.96 -12.36
C GLY A 329 31.65 12.68 -11.02
N GLY A 330 32.43 12.75 -9.94
CA GLY A 330 31.87 12.55 -8.62
C GLY A 330 30.87 13.62 -8.22
N LEU A 331 31.18 14.88 -8.51
CA LEU A 331 30.24 15.96 -8.23
C LEU A 331 28.95 15.78 -9.01
N ASN A 332 29.07 15.44 -10.30
CA ASN A 332 27.90 15.21 -11.12
C ASN A 332 27.05 14.08 -10.55
N SER A 333 27.68 12.98 -10.14
CA SER A 333 26.94 11.86 -9.59
C SER A 333 26.24 12.25 -8.29
N THR A 334 26.95 12.93 -7.40
CA THR A 334 26.37 13.31 -6.11
C THR A 334 25.13 14.16 -6.31
N PHE A 335 25.22 15.20 -7.13
CA PHE A 335 24.08 16.12 -7.18
C PHE A 335 22.98 15.61 -8.10
N THR A 336 23.31 14.82 -9.12
CA THR A 336 22.27 14.14 -9.88
C THR A 336 21.47 13.21 -8.99
N SER A 337 22.14 12.42 -8.16
CA SER A 337 21.41 11.48 -7.31
C SER A 337 20.64 12.22 -6.22
N MET A 338 21.18 13.33 -5.71
CA MET A 338 20.44 14.12 -4.73
C MET A 338 19.14 14.63 -5.32
N GLY A 339 19.20 15.22 -6.52
CA GLY A 339 17.99 15.67 -7.17
C GLY A 339 17.04 14.54 -7.48
N ASN A 340 17.56 13.41 -7.97
CA ASN A 340 16.71 12.27 -8.32
C ASN A 340 16.03 11.67 -7.09
N PHE A 341 16.63 11.84 -5.91
CA PHE A 341 16.00 11.33 -4.70
C PHE A 341 14.96 12.30 -4.16
N ILE A 342 15.28 13.60 -4.14
CA ILE A 342 14.35 14.55 -3.52
C ILE A 342 13.20 14.92 -4.45
N GLY A 343 13.35 14.78 -5.76
CA GLY A 343 12.32 15.15 -6.71
C GLY A 343 10.98 14.47 -6.51
N PRO A 344 10.94 13.14 -6.67
CA PRO A 344 9.65 12.43 -6.58
C PRO A 344 8.95 12.57 -5.24
N LEU A 345 9.69 12.70 -4.14
CA LEU A 345 9.08 12.83 -2.83
C LEU A 345 8.23 14.10 -2.72
N ILE A 346 8.79 15.23 -3.18
CA ILE A 346 8.02 16.48 -3.22
C ILE A 346 6.95 16.41 -4.30
N ALA A 347 7.27 15.78 -5.43
CA ALA A 347 6.35 15.74 -6.55
C ALA A 347 5.07 15.00 -6.20
N GLY A 348 5.17 13.89 -5.48
CA GLY A 348 3.97 13.14 -5.11
C GLY A 348 3.09 13.90 -4.15
N ALA A 349 3.70 14.59 -3.19
CA ALA A 349 2.94 15.42 -2.27
C ALA A 349 2.19 16.52 -3.01
N LEU A 350 2.86 17.16 -3.97
CA LEU A 350 2.16 18.18 -4.76
C LEU A 350 1.12 17.58 -5.68
N PHE A 351 1.39 16.38 -6.20
CA PHE A 351 0.48 15.68 -7.10
C PHE A 351 -0.81 15.29 -6.41
N ASP A 352 -0.74 15.05 -5.10
CA ASP A 352 -1.95 14.72 -4.36
C ASP A 352 -2.98 15.85 -4.38
N VAL A 353 -2.54 17.10 -4.59
CA VAL A 353 -3.46 18.23 -4.61
C VAL A 353 -3.80 18.68 -6.02
N HIS A 354 -2.97 18.40 -7.01
CA HIS A 354 -3.28 18.73 -8.40
C HIS A 354 -2.53 17.77 -9.31
N ILE A 355 -3.20 17.35 -10.38
CA ILE A 355 -2.63 16.32 -11.25
C ILE A 355 -1.53 16.86 -12.15
N GLU A 356 -1.42 18.18 -12.30
CA GLU A 356 -0.43 18.78 -13.18
C GLU A 356 0.78 19.31 -12.43
N ALA A 357 0.89 19.03 -11.13
CA ALA A 357 1.98 19.59 -10.35
C ALA A 357 3.37 19.16 -10.83
N PRO A 358 3.64 17.87 -11.10
CA PRO A 358 5.00 17.52 -11.56
C PRO A 358 5.43 18.21 -12.84
N ILE A 359 4.50 18.41 -13.78
CA ILE A 359 4.84 19.14 -15.01
C ILE A 359 5.12 20.60 -14.69
N TYR A 360 4.42 21.17 -13.71
CA TYR A 360 4.71 22.53 -13.28
C TYR A 360 6.11 22.63 -12.69
N MET A 361 6.51 21.63 -11.89
CA MET A 361 7.87 21.63 -11.35
C MET A 361 8.90 21.51 -12.46
N ALA A 362 8.63 20.67 -13.46
CA ALA A 362 9.54 20.55 -14.59
C ALA A 362 9.69 21.87 -15.33
N ILE A 363 8.57 22.56 -15.58
CA ILE A 363 8.63 23.85 -16.26
C ILE A 363 9.39 24.87 -15.42
N GLY A 364 9.14 24.90 -14.12
CA GLY A 364 9.82 25.85 -13.26
C GLY A 364 11.32 25.64 -13.23
N VAL A 365 11.75 24.39 -13.10
CA VAL A 365 13.19 24.13 -13.07
C VAL A 365 13.82 24.38 -14.43
N SER A 366 13.07 24.16 -15.52
CA SER A 366 13.61 24.48 -16.83
C SER A 366 13.84 25.99 -16.98
N LEU A 367 12.88 26.80 -16.53
CA LEU A 367 13.06 28.24 -16.58
C LEU A 367 14.20 28.70 -15.69
N ALA A 368 14.31 28.10 -14.49
CA ALA A 368 15.42 28.45 -13.61
C ALA A 368 16.76 28.08 -14.22
N GLY A 369 16.82 26.93 -14.90
CA GLY A 369 18.04 26.54 -15.59
C GLY A 369 18.41 27.48 -16.72
N VAL A 370 17.41 27.95 -17.46
CA VAL A 370 17.66 28.94 -18.51
C VAL A 370 18.25 30.20 -17.90
N VAL A 371 17.67 30.66 -16.78
CA VAL A 371 18.18 31.86 -16.12
C VAL A 371 19.62 31.65 -15.65
N ILE A 372 19.91 30.49 -15.06
CA ILE A 372 21.26 30.21 -14.57
C ILE A 372 22.26 30.18 -15.70
N VAL A 373 21.90 29.52 -16.81
CA VAL A 373 22.79 29.44 -17.97
C VAL A 373 23.05 30.82 -18.54
N LEU A 374 22.01 31.65 -18.66
CA LEU A 374 22.20 33.00 -19.18
C LEU A 374 23.09 33.83 -18.27
N ILE A 375 22.90 33.71 -16.95
CA ILE A 375 23.73 34.46 -16.02
C ILE A 375 25.19 34.04 -16.15
N GLU A 376 25.44 32.74 -16.25
CA GLU A 376 26.82 32.27 -16.36
C GLU A 376 27.43 32.70 -17.68
N LYS A 377 26.65 32.69 -18.77
CA LYS A 377 27.15 33.16 -20.05
C LYS A 377 27.49 34.66 -20.00
N GLN A 378 26.66 35.45 -19.33
CA GLN A 378 26.95 36.86 -19.19
C GLN A 378 28.21 37.09 -18.36
N HIS A 379 28.40 36.29 -17.31
CA HIS A 379 29.62 36.38 -16.51
C HIS A 379 30.85 36.04 -17.35
N ARG A 380 30.74 35.01 -18.19
CA ARG A 380 31.84 34.65 -19.08
C ARG A 380 32.15 35.78 -20.05
N ALA A 381 31.12 36.40 -20.62
CA ALA A 381 31.33 37.51 -21.54
C ALA A 381 31.99 38.69 -20.84
N ALA A 382 31.56 38.98 -19.61
CA ALA A 382 32.17 40.08 -18.85
C ALA A 382 33.64 39.78 -18.54
N ALA A 383 33.95 38.51 -18.25
CA ALA A 383 35.34 38.15 -17.96
C ALA A 383 36.23 38.39 -19.19
N ALA A 384 35.73 38.06 -20.37
CA ALA A 384 36.50 38.26 -21.60
C ALA A 384 35.99 39.47 -22.38
N GLU B 27 7.12 1.78 12.91
CA GLU B 27 7.83 2.97 13.37
C GLU B 27 6.85 4.08 13.74
N VAL B 28 5.93 4.39 12.85
CA VAL B 28 4.93 5.41 13.09
C VAL B 28 3.76 4.79 13.85
N GLN B 29 3.19 5.57 14.78
CA GLN B 29 2.05 5.16 15.57
C GLN B 29 0.93 6.17 15.40
N LEU B 30 -0.29 5.67 15.23
CA LEU B 30 -1.49 6.49 15.17
C LEU B 30 -2.43 6.04 16.29
N VAL B 31 -2.91 7.01 17.07
CA VAL B 31 -3.77 6.74 18.22
C VAL B 31 -5.04 7.57 18.09
N GLU B 32 -6.20 6.91 18.12
CA GLU B 32 -7.49 7.58 18.07
C GLU B 32 -7.97 7.93 19.47
N SER B 33 -8.75 9.00 19.54
CA SER B 33 -9.38 9.39 20.79
C SER B 33 -10.60 10.25 20.48
N GLY B 34 -11.48 10.38 21.46
CA GLY B 34 -12.60 11.29 21.35
C GLY B 34 -13.90 10.68 20.89
N GLY B 35 -13.99 9.36 20.82
CA GLY B 35 -15.24 8.72 20.44
C GLY B 35 -16.07 8.33 21.65
N GLY B 36 -17.38 8.24 21.44
CA GLY B 36 -18.27 7.88 22.53
C GLY B 36 -19.73 8.04 22.13
N LEU B 37 -20.58 8.11 23.13
CA LEU B 37 -22.01 8.28 22.91
C LEU B 37 -22.31 9.72 22.52
N VAL B 38 -23.12 9.90 21.48
CA VAL B 38 -23.49 11.23 21.01
C VAL B 38 -24.99 11.24 20.76
N GLN B 39 -25.56 12.45 20.71
CA GLN B 39 -26.98 12.66 20.47
C GLN B 39 -27.26 12.60 18.97
N PRO B 40 -28.41 12.05 18.56
CA PRO B 40 -28.72 11.97 17.13
C PRO B 40 -29.01 13.34 16.53
N GLY B 41 -27.95 14.09 16.24
CA GLY B 41 -28.06 15.42 15.69
C GLY B 41 -26.98 16.33 16.20
N GLY B 42 -26.22 15.84 17.18
CA GLY B 42 -25.14 16.59 17.77
C GLY B 42 -23.84 16.45 17.00
N SER B 43 -22.80 17.05 17.55
CA SER B 43 -21.48 17.08 16.95
C SER B 43 -20.47 16.40 17.86
N LEU B 44 -19.46 15.79 17.24
CA LEU B 44 -18.44 15.08 18.00
C LEU B 44 -17.11 15.22 17.27
N ARG B 45 -16.02 15.33 18.03
CA ARG B 45 -14.69 15.53 17.47
C ARG B 45 -13.82 14.32 17.76
N LEU B 46 -13.23 13.75 16.72
CA LEU B 46 -12.26 12.67 16.83
C LEU B 46 -10.87 13.22 16.62
N SER B 47 -9.91 12.70 17.38
CA SER B 47 -8.52 13.10 17.27
C SER B 47 -7.67 11.89 16.91
N CYS B 48 -6.72 12.10 15.99
CA CYS B 48 -5.72 11.10 15.66
C CYS B 48 -4.35 11.71 15.93
N ALA B 49 -3.65 11.17 16.92
CA ALA B 49 -2.29 11.59 17.22
C ALA B 49 -1.32 10.66 16.50
N ALA B 50 -0.40 11.25 15.73
CA ALA B 50 0.52 10.50 14.90
C ALA B 50 1.96 10.84 15.24
N SER B 51 2.81 9.81 15.30
CA SER B 51 4.23 10.00 15.53
C SER B 51 5.00 9.09 14.58
N GLY B 52 6.21 9.50 14.25
CA GLY B 52 7.06 8.69 13.40
C GLY B 52 7.34 9.37 12.08
N PHE B 53 8.49 9.04 11.49
CA PHE B 53 8.94 9.62 10.23
C PHE B 53 9.23 8.52 9.23
N THR B 54 8.86 8.75 7.97
CA THR B 54 9.13 7.82 6.90
C THR B 54 9.53 8.58 5.65
N PHE B 55 10.33 7.94 4.80
CA PHE B 55 10.78 8.52 3.54
C PHE B 55 9.70 8.29 2.48
N SER B 56 8.61 9.04 2.61
CA SER B 56 7.45 8.87 1.78
C SER B 56 6.65 10.15 1.76
N SER B 57 5.74 10.26 0.79
CA SER B 57 4.69 11.27 0.83
C SER B 57 3.49 10.69 1.55
N SER B 58 2.97 11.43 2.53
CA SER B 58 1.99 10.89 3.46
C SER B 58 0.74 11.75 3.51
N SER B 59 -0.36 11.11 3.89
CA SER B 59 -1.64 11.76 4.11
C SER B 59 -2.36 11.01 5.23
N ILE B 60 -3.26 11.71 5.92
CA ILE B 60 -4.01 11.13 7.03
C ILE B 60 -5.45 10.96 6.58
N HIS B 61 -5.97 9.74 6.71
CA HIS B 61 -7.31 9.39 6.27
C HIS B 61 -8.12 8.84 7.44
N TRP B 62 -9.43 8.96 7.32
CA TRP B 62 -10.37 8.39 8.26
C TRP B 62 -11.21 7.34 7.54
N VAL B 63 -11.35 6.17 8.15
CA VAL B 63 -12.12 5.07 7.58
C VAL B 63 -13.02 4.51 8.67
N ARG B 64 -14.30 4.36 8.37
CA ARG B 64 -15.24 3.84 9.35
C ARG B 64 -15.75 2.47 8.92
N GLN B 65 -16.11 1.66 9.91
CA GLN B 65 -16.68 0.34 9.70
C GLN B 65 -17.94 0.21 10.53
N ALA B 66 -19.08 0.08 9.87
CA ALA B 66 -20.33 -0.14 10.58
C ALA B 66 -20.37 -1.58 11.10
N PRO B 67 -21.05 -1.82 12.22
CA PRO B 67 -21.04 -3.17 12.81
C PRO B 67 -21.58 -4.22 11.86
N GLY B 68 -20.72 -5.18 11.51
CA GLY B 68 -21.05 -6.22 10.56
C GLY B 68 -20.89 -5.83 9.10
N LYS B 69 -20.54 -4.58 8.81
CA LYS B 69 -20.43 -4.10 7.45
C LYS B 69 -18.96 -4.04 7.04
N GLY B 70 -18.70 -3.49 5.86
CA GLY B 70 -17.35 -3.35 5.35
C GLY B 70 -16.70 -2.05 5.75
N LEU B 71 -15.69 -1.68 4.96
CA LEU B 71 -14.90 -0.48 5.22
C LEU B 71 -15.38 0.66 4.33
N GLU B 72 -15.46 1.86 4.91
CA GLU B 72 -15.89 3.04 4.19
C GLU B 72 -14.91 4.18 4.43
N TRP B 73 -14.39 4.75 3.35
CA TRP B 73 -13.52 5.91 3.43
C TRP B 73 -14.37 7.17 3.60
N VAL B 74 -13.98 8.03 4.53
CA VAL B 74 -14.76 9.21 4.87
C VAL B 74 -14.04 10.52 4.57
N ALA B 75 -12.75 10.62 4.90
CA ALA B 75 -12.08 11.90 4.76
C ALA B 75 -10.57 11.70 4.69
N SER B 76 -9.88 12.74 4.21
CA SER B 76 -8.44 12.70 4.03
C SER B 76 -7.90 14.12 4.08
N ILE B 77 -6.66 14.26 4.55
CA ILE B 77 -5.98 15.55 4.57
C ILE B 77 -4.49 15.32 4.33
N SER B 78 -3.87 16.24 3.60
CA SER B 78 -2.46 16.14 3.26
C SER B 78 -1.60 16.77 4.34
N SER B 79 -0.51 16.08 4.68
CA SER B 79 0.39 16.59 5.73
C SER B 79 1.05 17.89 5.30
N SER B 80 1.50 17.96 4.05
CA SER B 80 2.13 19.15 3.50
C SER B 80 1.16 19.81 2.53
N SER B 81 0.97 21.13 2.67
CA SER B 81 -0.01 21.87 1.90
C SER B 81 -1.40 21.26 2.09
N GLY B 82 -1.88 21.32 3.32
CA GLY B 82 -3.04 20.57 3.75
C GLY B 82 -4.26 20.76 2.87
N SER B 83 -4.56 19.73 2.08
CA SER B 83 -5.70 19.73 1.18
C SER B 83 -6.64 18.61 1.62
N THR B 84 -7.89 18.97 1.86
CA THR B 84 -8.87 18.04 2.39
C THR B 84 -9.63 17.35 1.25
N SER B 85 -10.28 16.25 1.61
CA SER B 85 -11.11 15.51 0.68
C SER B 85 -12.12 14.72 1.48
N TYR B 86 -13.34 14.63 0.98
CA TYR B 86 -14.44 14.01 1.72
C TYR B 86 -15.23 13.10 0.82
N ALA B 87 -15.91 12.13 1.43
CA ALA B 87 -16.82 11.28 0.71
C ALA B 87 -18.10 12.04 0.37
N ASP B 88 -18.80 11.58 -0.67
CA ASP B 88 -20.04 12.23 -1.08
C ASP B 88 -21.10 12.11 0.00
N SER B 89 -21.15 10.97 0.68
CA SER B 89 -22.16 10.73 1.72
C SER B 89 -21.84 11.43 3.02
N VAL B 90 -20.77 12.22 3.08
CA VAL B 90 -20.34 12.82 4.33
C VAL B 90 -20.01 14.29 4.11
N LYS B 91 -20.04 14.72 2.86
CA LYS B 91 -19.66 16.09 2.52
C LYS B 91 -20.60 17.10 3.17
N GLY B 92 -20.03 18.18 3.66
CA GLY B 92 -20.78 19.23 4.34
C GLY B 92 -20.92 19.04 5.84
N ARG B 93 -21.27 17.83 6.26
CA ARG B 93 -21.44 17.57 7.68
C ARG B 93 -20.12 17.39 8.42
N PHE B 94 -19.11 16.83 7.77
CA PHE B 94 -17.83 16.55 8.40
C PHE B 94 -16.79 17.58 7.96
N THR B 95 -15.81 17.81 8.82
CA THR B 95 -14.70 18.69 8.51
C THR B 95 -13.42 18.10 9.09
N ILE B 96 -12.43 17.87 8.25
CA ILE B 96 -11.15 17.34 8.68
C ILE B 96 -10.15 18.50 8.73
N SER B 97 -9.27 18.47 9.72
CA SER B 97 -8.25 19.49 9.87
C SER B 97 -7.02 18.85 10.50
N ALA B 98 -5.93 19.60 10.51
CA ALA B 98 -4.72 19.11 11.13
C ALA B 98 -3.96 20.27 11.73
N ASP B 99 -3.24 20.00 12.81
CA ASP B 99 -2.27 20.94 13.36
C ASP B 99 -0.93 20.24 13.47
N THR B 100 0.12 20.89 12.96
CA THR B 100 1.44 20.29 12.88
C THR B 100 2.31 20.60 14.09
N SER B 101 1.82 21.40 15.04
CA SER B 101 2.58 21.65 16.26
C SER B 101 2.79 20.36 17.04
N LYS B 102 1.75 19.53 17.14
CA LYS B 102 1.85 18.23 17.79
C LYS B 102 1.58 17.08 16.83
N ASN B 103 1.57 17.34 15.53
CA ASN B 103 1.34 16.32 14.50
C ASN B 103 0.04 15.56 14.77
N THR B 104 -1.05 16.31 14.78
CA THR B 104 -2.36 15.76 15.14
C THR B 104 -3.37 16.10 14.06
N ALA B 105 -4.33 15.21 13.87
CA ALA B 105 -5.43 15.41 12.94
C ALA B 105 -6.75 15.35 13.70
N TYR B 106 -7.75 16.05 13.19
CA TYR B 106 -9.07 16.10 13.81
C TYR B 106 -10.14 15.89 12.76
N LEU B 107 -11.17 15.14 13.13
CA LEU B 107 -12.37 14.98 12.33
C LEU B 107 -13.55 15.47 13.16
N GLN B 108 -14.13 16.60 12.78
CA GLN B 108 -15.27 17.17 13.47
C GLN B 108 -16.52 16.84 12.68
N MET B 109 -17.41 16.05 13.26
CA MET B 109 -18.62 15.59 12.58
C MET B 109 -19.84 16.27 13.21
N ASN B 110 -20.61 16.95 12.38
CA ASN B 110 -21.80 17.68 12.81
C ASN B 110 -23.02 17.06 12.14
N SER B 111 -24.18 17.29 12.76
CA SER B 111 -25.45 16.80 12.24
C SER B 111 -25.40 15.29 12.03
N LEU B 112 -24.91 14.59 13.05
CA LEU B 112 -24.75 13.15 12.97
C LEU B 112 -26.10 12.46 12.81
N ARG B 113 -26.16 11.49 11.92
CA ARG B 113 -27.37 10.77 11.57
C ARG B 113 -27.24 9.29 11.93
N ALA B 114 -28.27 8.52 11.58
CA ALA B 114 -28.33 7.12 11.99
C ALA B 114 -27.15 6.32 11.44
N GLU B 115 -26.80 6.54 10.18
CA GLU B 115 -25.77 5.73 9.53
C GLU B 115 -24.36 6.11 9.94
N ASP B 116 -24.19 6.93 10.98
CA ASP B 116 -22.86 7.37 11.40
C ASP B 116 -22.35 6.65 12.63
N THR B 117 -23.00 5.56 13.05
CA THR B 117 -22.52 4.75 14.16
C THR B 117 -21.59 3.69 13.59
N ALA B 118 -20.31 3.74 13.98
CA ALA B 118 -19.31 2.86 13.39
C ALA B 118 -18.04 2.94 14.22
N VAL B 119 -17.09 2.09 13.88
CA VAL B 119 -15.74 2.17 14.42
C VAL B 119 -14.89 2.98 13.45
N TYR B 120 -14.32 4.08 13.93
CA TYR B 120 -13.55 5.00 13.10
C TYR B 120 -12.06 4.78 13.37
N TYR B 121 -11.32 4.46 12.31
CA TYR B 121 -9.87 4.36 12.34
C TYR B 121 -9.28 5.55 11.62
N CYS B 122 -8.15 6.03 12.12
CA CYS B 122 -7.30 6.94 11.37
C CYS B 122 -6.14 6.13 10.80
N ALA B 123 -5.88 6.30 9.52
CA ALA B 123 -4.86 5.57 8.81
C ALA B 123 -3.93 6.56 8.10
N ARG B 124 -2.74 6.08 7.76
CA ARG B 124 -1.70 6.87 7.13
C ARG B 124 -1.46 6.31 5.73
N TYR B 125 -1.81 7.08 4.71
CA TYR B 125 -1.46 6.71 3.34
C TYR B 125 -0.04 7.17 3.06
N SER B 126 0.81 6.24 2.64
CA SER B 126 2.21 6.50 2.37
C SER B 126 2.53 6.06 0.96
N ARG B 127 3.26 6.89 0.22
CA ARG B 127 3.76 6.53 -1.10
C ARG B 127 5.28 6.68 -1.11
N TYR B 128 5.95 5.62 -1.55
CA TYR B 128 7.40 5.56 -1.63
C TYR B 128 7.79 5.53 -3.10
N TYR B 129 8.90 6.19 -3.42
CA TYR B 129 9.32 6.36 -4.80
C TYR B 129 10.72 5.82 -4.99
N TYR B 130 10.97 5.29 -6.18
CA TYR B 130 12.28 4.76 -6.56
C TYR B 130 12.57 5.23 -7.98
N TYR B 131 13.51 6.16 -8.12
CA TYR B 131 13.79 6.75 -9.43
C TYR B 131 14.56 5.77 -10.31
N ALA B 132 14.08 5.56 -11.53
CA ALA B 132 14.90 4.91 -12.55
C ALA B 132 14.44 5.41 -13.92
N TRP B 133 15.02 6.53 -14.35
CA TRP B 133 14.73 7.12 -15.67
C TRP B 133 13.20 7.33 -15.77
N ARG B 134 12.57 6.98 -16.89
CA ARG B 134 11.14 7.12 -17.07
C ARG B 134 10.38 5.86 -16.67
N VAL B 135 11.07 4.87 -16.14
CA VAL B 135 10.47 3.73 -15.49
C VAL B 135 10.77 3.96 -14.02
N GLY B 136 10.40 3.04 -13.16
CA GLY B 136 10.67 3.21 -11.75
C GLY B 136 9.45 2.95 -10.92
N GLY B 137 9.68 2.52 -9.68
CA GLY B 137 8.61 2.03 -8.83
C GLY B 137 8.10 3.10 -7.89
N TYR B 138 6.80 3.02 -7.62
CA TYR B 138 6.19 3.66 -6.47
C TYR B 138 5.24 2.66 -5.83
N TRP B 139 5.12 2.73 -4.52
CA TRP B 139 4.27 1.83 -3.75
C TRP B 139 3.47 2.67 -2.77
N GLY B 140 2.15 2.60 -2.88
CA GLY B 140 1.28 3.40 -2.04
C GLY B 140 0.18 2.58 -1.41
N GLY B 141 -0.19 2.97 -0.20
CA GLY B 141 -1.30 2.34 0.49
C GLY B 141 -1.42 2.88 1.89
N LEU B 142 -2.49 2.47 2.55
CA LEU B 142 -2.72 2.85 3.95
C LEU B 142 -1.81 1.99 4.81
N ASP B 143 -0.61 2.51 5.06
CA ASP B 143 0.46 1.74 5.67
C ASP B 143 0.17 1.41 7.12
N TYR B 144 -0.22 2.42 7.89
CA TYR B 144 -0.39 2.31 9.33
C TYR B 144 -1.82 2.64 9.69
N TRP B 145 -2.35 1.92 10.66
CA TRP B 145 -3.73 2.09 11.11
C TRP B 145 -3.74 2.30 12.61
N GLY B 146 -4.79 2.97 13.09
CA GLY B 146 -5.03 3.09 14.51
C GLY B 146 -5.86 1.94 15.04
N GLN B 147 -6.06 1.96 16.36
CA GLN B 147 -6.88 0.93 16.99
C GLN B 147 -8.35 1.11 16.65
N GLY B 148 -8.80 2.34 16.52
CA GLY B 148 -10.18 2.65 16.22
C GLY B 148 -10.97 3.06 17.45
N THR B 149 -11.96 3.91 17.24
CA THR B 149 -12.84 4.35 18.30
C THR B 149 -14.29 4.17 17.87
N LEU B 150 -15.12 3.66 18.76
CA LEU B 150 -16.53 3.44 18.45
C LEU B 150 -17.31 4.73 18.66
N VAL B 151 -18.22 5.01 17.72
CA VAL B 151 -19.11 6.15 17.80
C VAL B 151 -20.53 5.63 17.60
N THR B 152 -21.39 5.85 18.59
CA THR B 152 -22.80 5.49 18.52
C THR B 152 -23.62 6.78 18.49
N VAL B 153 -24.42 6.94 17.46
CA VAL B 153 -25.14 8.19 17.24
C VAL B 153 -26.48 8.21 17.95
N PHE B 154 -27.18 7.08 17.95
CA PHE B 154 -28.49 7.03 18.59
C PHE B 154 -28.36 7.15 20.11
N ASN B 155 -29.24 7.96 20.69
CA ASN B 155 -29.28 8.18 22.14
C ASN B 155 -30.70 8.06 22.66
N GLN B 156 -31.37 6.97 22.27
CA GLN B 156 -32.68 6.59 22.79
C GLN B 156 -32.53 5.56 23.89
N ILE B 157 -31.49 5.75 24.71
CA ILE B 157 -31.01 4.74 25.65
C ILE B 157 -32.14 4.19 26.49
N LYS B 158 -32.21 2.86 26.57
CA LYS B 158 -33.13 2.18 27.47
C LYS B 158 -32.47 0.88 27.94
N GLY B 159 -32.85 0.44 29.13
CA GLY B 159 -32.23 -0.70 29.76
C GLY B 159 -32.66 -2.02 29.17
N PRO B 160 -31.85 -3.06 29.38
CA PRO B 160 -32.19 -4.39 28.88
C PRO B 160 -33.07 -5.17 29.84
N SER B 161 -33.65 -6.25 29.32
CA SER B 161 -34.44 -7.19 30.10
C SER B 161 -33.85 -8.58 29.90
N VAL B 162 -33.61 -9.28 31.02
CA VAL B 162 -32.91 -10.57 31.00
C VAL B 162 -33.89 -11.66 31.40
N PHE B 163 -33.95 -12.71 30.58
CA PHE B 163 -34.78 -13.87 30.86
C PHE B 163 -33.95 -15.13 30.76
N PRO B 164 -34.00 -16.02 31.74
CA PRO B 164 -33.25 -17.27 31.65
C PRO B 164 -33.90 -18.26 30.71
N LEU B 165 -33.09 -19.23 30.26
CA LEU B 165 -33.56 -20.35 29.46
C LEU B 165 -33.36 -21.62 30.27
N ALA B 166 -34.45 -22.26 30.66
CA ALA B 166 -34.36 -23.46 31.48
C ALA B 166 -33.81 -24.62 30.65
N PRO B 167 -32.73 -25.26 31.08
CA PRO B 167 -32.16 -26.38 30.31
C PRO B 167 -33.14 -27.53 30.12
N SER B 168 -33.67 -28.05 31.23
CA SER B 168 -34.59 -29.17 31.18
C SER B 168 -36.04 -28.71 31.21
N GLY B 174 -29.82 -36.20 28.30
CA GLY B 174 -28.76 -36.60 27.39
C GLY B 174 -27.37 -36.40 27.96
N GLY B 175 -26.36 -36.57 27.11
CA GLY B 175 -24.99 -36.40 27.57
C GLY B 175 -24.67 -34.96 27.94
N THR B 176 -25.19 -34.00 27.17
CA THR B 176 -24.92 -32.59 27.40
C THR B 176 -26.15 -31.78 27.05
N ALA B 177 -26.58 -30.92 27.96
CA ALA B 177 -27.67 -29.99 27.73
C ALA B 177 -27.12 -28.59 27.57
N ALA B 178 -28.00 -27.62 27.31
CA ALA B 178 -27.61 -26.25 27.11
C ALA B 178 -28.55 -25.33 27.87
N LEU B 179 -28.01 -24.20 28.34
CA LEU B 179 -28.82 -23.20 29.02
C LEU B 179 -28.23 -21.83 28.72
N GLY B 180 -29.05 -20.79 28.87
CA GLY B 180 -28.53 -19.48 28.49
C GLY B 180 -29.36 -18.32 29.00
N CYS B 181 -28.92 -17.13 28.59
CA CYS B 181 -29.57 -15.87 28.88
C CYS B 181 -30.20 -15.33 27.60
N LEU B 182 -31.27 -14.56 27.75
CA LEU B 182 -31.90 -13.85 26.65
C LEU B 182 -32.05 -12.40 27.05
N VAL B 183 -31.32 -11.52 26.37
CA VAL B 183 -31.34 -10.09 26.64
C VAL B 183 -32.19 -9.42 25.56
N LYS B 184 -33.12 -8.58 25.97
CA LYS B 184 -34.10 -7.99 25.06
C LYS B 184 -34.24 -6.50 25.32
N ASP B 185 -34.71 -5.80 24.27
CA ASP B 185 -35.17 -4.41 24.34
C ASP B 185 -34.15 -3.49 25.00
N TYR B 186 -32.89 -3.64 24.60
CA TYR B 186 -31.83 -2.74 25.01
C TYR B 186 -31.38 -1.90 23.83
N PHE B 187 -30.85 -0.72 24.12
CA PHE B 187 -30.43 0.21 23.07
C PHE B 187 -29.57 1.31 23.68
N PRO B 188 -28.44 1.67 23.06
CA PRO B 188 -27.81 1.14 21.83
C PRO B 188 -27.18 -0.22 22.05
N GLU B 189 -26.22 -0.66 21.23
CA GLU B 189 -25.87 -2.06 21.29
C GLU B 189 -24.42 -2.39 21.67
N PRO B 190 -23.82 -1.73 22.67
CA PRO B 190 -22.74 -2.38 23.40
C PRO B 190 -23.28 -3.19 24.57
N VAL B 191 -23.18 -4.51 24.52
CA VAL B 191 -23.65 -5.39 25.59
C VAL B 191 -22.64 -6.50 25.79
N THR B 192 -22.34 -6.81 27.04
CA THR B 192 -21.41 -7.89 27.37
C THR B 192 -22.15 -8.95 28.18
N VAL B 193 -21.97 -10.21 27.81
CA VAL B 193 -22.56 -11.34 28.50
C VAL B 193 -21.44 -12.28 28.92
N SER B 194 -21.42 -12.65 30.20
CA SER B 194 -20.40 -13.52 30.73
C SER B 194 -21.04 -14.55 31.67
N TRP B 195 -20.31 -15.63 31.92
CA TRP B 195 -20.75 -16.69 32.81
C TRP B 195 -19.75 -16.85 33.95
N ASN B 196 -20.27 -16.81 35.18
CA ASN B 196 -19.44 -16.91 36.39
C ASN B 196 -18.34 -15.86 36.40
N SER B 197 -18.69 -14.64 36.02
CA SER B 197 -17.76 -13.50 36.00
C SER B 197 -16.55 -13.80 35.12
N GLY B 198 -16.78 -14.47 33.99
CA GLY B 198 -15.73 -14.80 33.07
C GLY B 198 -14.92 -16.04 33.39
N ALA B 199 -15.26 -16.73 34.49
CA ALA B 199 -14.53 -17.96 34.81
C ALA B 199 -14.77 -19.04 33.79
N LEU B 200 -16.01 -19.18 33.31
CA LEU B 200 -16.37 -20.21 32.35
C LEU B 200 -16.26 -19.61 30.95
N THR B 201 -15.32 -20.14 30.15
CA THR B 201 -15.08 -19.64 28.80
C THR B 201 -15.09 -20.77 27.77
N SER B 202 -15.65 -21.92 28.11
CA SER B 202 -15.69 -23.07 27.22
C SER B 202 -17.12 -23.36 26.81
N GLY B 203 -17.35 -23.47 25.50
CA GLY B 203 -18.67 -23.75 24.99
C GLY B 203 -19.69 -22.66 25.24
N VAL B 204 -19.26 -21.40 25.19
CA VAL B 204 -20.13 -20.25 25.38
C VAL B 204 -20.24 -19.52 24.06
N HIS B 205 -21.46 -19.43 23.53
CA HIS B 205 -21.73 -18.76 22.26
C HIS B 205 -22.67 -17.60 22.51
N THR B 206 -22.20 -16.39 22.25
CA THR B 206 -23.00 -15.18 22.37
C THR B 206 -23.34 -14.72 20.95
N PHE B 207 -24.61 -14.86 20.58
CA PHE B 207 -25.02 -14.55 19.22
C PHE B 207 -24.96 -13.06 18.97
N PRO B 208 -24.63 -12.65 17.75
CA PRO B 208 -24.63 -11.22 17.43
C PRO B 208 -26.01 -10.61 17.58
N ALA B 209 -26.03 -9.36 18.02
CA ALA B 209 -27.29 -8.67 18.29
C ALA B 209 -28.09 -8.48 17.00
N VAL B 210 -29.41 -8.45 17.15
CA VAL B 210 -30.32 -8.25 16.04
C VAL B 210 -31.28 -7.14 16.39
N LEU B 211 -31.80 -6.48 15.37
CA LEU B 211 -32.74 -5.38 15.53
C LEU B 211 -34.17 -5.89 15.37
N GLN B 212 -35.02 -5.55 16.33
CA GLN B 212 -36.41 -5.97 16.30
C GLN B 212 -37.24 -4.93 15.56
N SER B 213 -38.54 -5.22 15.41
CA SER B 213 -39.45 -4.31 14.73
C SER B 213 -39.73 -3.05 15.54
N SER B 214 -39.40 -3.03 16.82
CA SER B 214 -39.63 -1.88 17.68
C SER B 214 -38.42 -0.96 17.76
N GLY B 215 -37.38 -1.22 16.97
CA GLY B 215 -36.18 -0.40 17.03
C GLY B 215 -35.28 -0.69 18.21
N LEU B 216 -35.43 -1.85 18.83
CA LEU B 216 -34.62 -2.24 19.99
C LEU B 216 -33.87 -3.53 19.67
N TYR B 217 -32.78 -3.75 20.40
CA TYR B 217 -31.89 -4.85 20.15
C TYR B 217 -32.20 -6.03 21.06
N SER B 218 -31.95 -7.24 20.54
CA SER B 218 -32.14 -8.46 21.30
C SER B 218 -31.09 -9.48 20.91
N LEU B 219 -30.57 -10.20 21.89
CA LEU B 219 -29.61 -11.27 21.64
C LEU B 219 -29.80 -12.35 22.70
N SER B 220 -29.12 -13.47 22.49
CA SER B 220 -29.13 -14.56 23.44
C SER B 220 -27.72 -15.14 23.54
N SER B 221 -27.41 -15.69 24.72
CA SER B 221 -26.13 -16.34 24.96
C SER B 221 -26.39 -17.73 25.50
N VAL B 222 -25.73 -18.73 24.93
CA VAL B 222 -25.99 -20.13 25.26
C VAL B 222 -24.67 -20.81 25.64
N VAL B 223 -24.68 -21.55 26.74
CA VAL B 223 -23.54 -22.35 27.15
C VAL B 223 -24.03 -23.78 27.38
N THR B 224 -23.24 -24.75 26.92
CA THR B 224 -23.53 -26.16 27.14
C THR B 224 -22.88 -26.64 28.43
N VAL B 225 -23.44 -27.71 28.97
CA VAL B 225 -22.94 -28.31 30.22
C VAL B 225 -23.41 -29.77 30.25
N PRO B 226 -22.56 -30.70 30.70
CA PRO B 226 -23.01 -32.09 30.84
C PRO B 226 -24.17 -32.18 31.83
N SER B 227 -25.12 -33.07 31.53
CA SER B 227 -26.32 -33.20 32.34
C SER B 227 -25.99 -33.64 33.77
N SER B 228 -24.86 -34.32 33.96
CA SER B 228 -24.45 -34.70 35.30
C SER B 228 -23.94 -33.53 36.12
N SER B 229 -23.56 -32.44 35.47
CA SER B 229 -23.05 -31.25 36.16
C SER B 229 -24.13 -30.21 36.39
N LEU B 230 -25.39 -30.52 36.06
CA LEU B 230 -26.47 -29.54 36.22
C LEU B 230 -26.66 -29.15 37.68
N GLY B 231 -26.64 -30.14 38.59
CA GLY B 231 -26.84 -29.88 40.00
C GLY B 231 -25.59 -29.66 40.81
N THR B 232 -24.42 -29.94 40.24
CA THR B 232 -23.17 -29.78 40.98
C THR B 232 -22.92 -28.32 41.35
N GLN B 233 -23.15 -27.41 40.40
CA GLN B 233 -22.92 -25.98 40.63
C GLN B 233 -24.00 -25.17 39.95
N THR B 234 -24.57 -24.20 40.66
CA THR B 234 -25.51 -23.28 40.06
C THR B 234 -24.81 -22.34 39.11
N TYR B 235 -25.49 -21.97 38.04
CA TYR B 235 -24.92 -21.16 36.97
C TYR B 235 -25.45 -19.73 37.06
N ILE B 236 -24.54 -18.76 37.01
CA ILE B 236 -24.89 -17.35 37.02
C ILE B 236 -24.55 -16.77 35.65
N CYS B 237 -25.19 -15.65 35.34
CA CYS B 237 -25.10 -15.02 34.02
C CYS B 237 -25.04 -13.51 34.23
N ASN B 238 -23.90 -12.91 33.92
CA ASN B 238 -23.66 -11.48 34.13
C ASN B 238 -23.90 -10.75 32.82
N VAL B 239 -24.84 -9.81 32.83
CA VAL B 239 -25.18 -9.00 31.67
C VAL B 239 -24.86 -7.55 31.99
N ASN B 240 -24.05 -6.93 31.14
CA ASN B 240 -23.61 -5.55 31.32
C ASN B 240 -24.03 -4.73 30.11
N HIS B 241 -24.72 -3.63 30.37
CA HIS B 241 -25.10 -2.63 29.37
C HIS B 241 -24.36 -1.34 29.76
N LYS B 242 -23.25 -1.08 29.06
CA LYS B 242 -22.38 0.03 29.45
C LYS B 242 -23.03 1.40 29.37
N PRO B 243 -23.72 1.77 28.28
CA PRO B 243 -24.32 3.13 28.26
C PRO B 243 -25.32 3.36 29.38
N SER B 244 -26.10 2.34 29.75
CA SER B 244 -27.00 2.46 30.89
C SER B 244 -26.31 2.16 32.22
N ASN B 245 -25.06 1.71 32.19
CA ASN B 245 -24.34 1.28 33.39
C ASN B 245 -25.14 0.25 34.16
N THR B 246 -25.80 -0.64 33.43
CA THR B 246 -26.69 -1.64 34.02
C THR B 246 -25.97 -2.98 34.09
N LYS B 247 -25.60 -3.38 35.30
CA LYS B 247 -24.95 -4.67 35.54
C LYS B 247 -25.90 -5.55 36.32
N VAL B 248 -26.34 -6.64 35.71
CA VAL B 248 -27.27 -7.56 36.34
C VAL B 248 -26.68 -8.96 36.35
N ASP B 249 -27.08 -9.74 37.35
CA ASP B 249 -26.68 -11.14 37.48
C ASP B 249 -27.96 -11.97 37.59
N LYS B 250 -28.09 -12.96 36.72
CA LYS B 250 -29.26 -13.82 36.69
C LYS B 250 -28.84 -15.27 36.87
N LYS B 251 -29.52 -15.97 37.78
CA LYS B 251 -29.22 -17.38 38.04
C LYS B 251 -30.10 -18.24 37.14
N VAL B 252 -29.49 -19.23 36.49
CA VAL B 252 -30.21 -20.14 35.60
C VAL B 252 -30.29 -21.49 36.29
N GLU B 253 -31.51 -21.96 36.51
CA GLU B 253 -31.76 -23.24 37.16
C GLU B 253 -32.76 -24.05 36.33
N PRO B 254 -32.69 -25.38 36.41
CA PRO B 254 -33.67 -26.20 35.69
C PRO B 254 -35.08 -25.99 36.23
N LYS B 255 -36.05 -26.17 35.35
CA LYS B 255 -37.45 -26.03 35.72
C LYS B 255 -37.84 -27.06 36.78
N GLN C 27 -17.83 -0.44 -1.49
CA GLN C 27 -17.93 0.66 -2.44
C GLN C 27 -17.55 0.19 -3.85
N MET C 28 -16.82 -0.92 -3.92
CA MET C 28 -16.54 -1.63 -5.17
C MET C 28 -16.97 -3.08 -5.04
N THR C 29 -17.40 -3.66 -6.16
CA THR C 29 -17.90 -5.03 -6.14
C THR C 29 -16.73 -6.01 -6.10
N GLN C 30 -16.80 -6.97 -5.18
CA GLN C 30 -15.81 -8.02 -5.02
C GLN C 30 -16.49 -9.37 -5.16
N SER C 31 -15.82 -10.29 -5.85
CA SER C 31 -16.36 -11.63 -6.05
C SER C 31 -15.31 -12.65 -5.61
N PRO C 32 -15.67 -13.64 -4.79
CA PRO C 32 -16.99 -13.88 -4.19
C PRO C 32 -17.22 -13.03 -2.94
N SER C 33 -18.46 -12.93 -2.46
CA SER C 33 -18.70 -12.24 -1.19
C SER C 33 -18.06 -12.98 -0.03
N SER C 34 -18.11 -14.31 -0.05
CA SER C 34 -17.48 -15.12 0.97
C SER C 34 -17.23 -16.50 0.40
N LEU C 35 -16.06 -17.05 0.67
CA LEU C 35 -15.68 -18.35 0.16
C LEU C 35 -15.02 -19.17 1.27
N SER C 36 -15.04 -20.48 1.09
CA SER C 36 -14.42 -21.41 2.03
C SER C 36 -13.47 -22.31 1.28
N ALA C 37 -12.31 -22.57 1.88
CA ALA C 37 -11.30 -23.41 1.25
C ALA C 37 -10.40 -23.99 2.34
N SER C 38 -9.68 -25.04 1.97
CA SER C 38 -8.82 -25.75 2.91
C SER C 38 -7.40 -25.20 2.87
N VAL C 39 -6.64 -25.54 3.91
CA VAL C 39 -5.26 -25.09 4.01
C VAL C 39 -4.43 -25.72 2.91
N GLY C 40 -3.64 -24.91 2.21
CA GLY C 40 -2.86 -25.36 1.08
C GLY C 40 -3.50 -25.13 -0.27
N ASP C 41 -4.75 -24.70 -0.30
CA ASP C 41 -5.43 -24.41 -1.55
C ASP C 41 -5.03 -23.03 -2.07
N ARG C 42 -5.34 -22.79 -3.34
CA ARG C 42 -5.06 -21.52 -4.00
C ARG C 42 -6.38 -20.78 -4.22
N VAL C 43 -6.42 -19.52 -3.79
CA VAL C 43 -7.64 -18.73 -3.78
C VAL C 43 -7.45 -17.51 -4.66
N THR C 44 -8.49 -17.15 -5.40
CA THR C 44 -8.52 -15.92 -6.20
C THR C 44 -9.70 -15.06 -5.78
N ILE C 45 -9.44 -13.79 -5.54
CA ILE C 45 -10.45 -12.80 -5.19
C ILE C 45 -10.45 -11.73 -6.27
N THR C 46 -11.60 -11.45 -6.86
CA THR C 46 -11.72 -10.52 -7.96
C THR C 46 -12.40 -9.24 -7.49
N CYS C 47 -11.78 -8.10 -7.81
CA CYS C 47 -12.29 -6.78 -7.49
C CYS C 47 -12.57 -6.04 -8.79
N ARG C 48 -13.76 -5.46 -8.90
CA ARG C 48 -14.15 -4.73 -10.10
C ARG C 48 -13.85 -3.25 -9.90
N ALA C 49 -12.85 -2.76 -10.62
CA ALA C 49 -12.30 -1.43 -10.38
C ALA C 49 -12.96 -0.38 -11.27
N SER C 50 -12.59 0.87 -11.05
CA SER C 50 -13.17 1.97 -11.79
C SER C 50 -12.69 2.00 -13.24
N GLN C 51 -13.58 2.41 -14.13
CA GLN C 51 -13.27 2.60 -15.54
C GLN C 51 -12.82 4.02 -15.85
N SER C 52 -12.84 4.92 -14.86
CA SER C 52 -12.43 6.30 -15.06
C SER C 52 -10.95 6.51 -14.75
N VAL C 53 -10.33 5.63 -13.98
CA VAL C 53 -8.90 5.67 -13.73
C VAL C 53 -8.33 4.28 -13.98
N SER C 54 -7.04 4.24 -14.30
CA SER C 54 -6.36 2.99 -14.60
C SER C 54 -5.24 2.69 -13.61
N SER C 55 -5.26 3.35 -12.44
CA SER C 55 -4.24 3.09 -11.44
C SER C 55 -4.43 1.72 -10.81
N ALA C 56 -3.36 1.23 -10.19
CA ALA C 56 -3.40 -0.09 -9.57
C ALA C 56 -4.24 -0.04 -8.30
N VAL C 57 -4.40 -1.21 -7.67
CA VAL C 57 -5.28 -1.39 -6.54
C VAL C 57 -4.47 -1.93 -5.37
N ALA C 58 -4.73 -1.40 -4.18
CA ALA C 58 -4.14 -1.92 -2.96
C ALA C 58 -5.06 -2.96 -2.34
N TRP C 59 -4.48 -3.85 -1.55
CA TRP C 59 -5.22 -4.95 -0.95
C TRP C 59 -4.97 -4.96 0.56
N TYR C 60 -6.06 -5.13 1.32
CA TYR C 60 -6.04 -5.10 2.78
C TYR C 60 -6.64 -6.38 3.34
N GLN C 61 -6.14 -6.77 4.51
CA GLN C 61 -6.58 -7.97 5.22
C GLN C 61 -7.03 -7.57 6.61
N GLN C 62 -8.20 -8.05 7.02
CA GLN C 62 -8.74 -7.77 8.34
C GLN C 62 -9.24 -9.06 8.99
N LYS C 63 -8.79 -9.30 10.19
CA LYS C 63 -9.24 -10.36 11.08
C LYS C 63 -10.27 -9.81 12.07
N PRO C 64 -11.16 -10.63 12.61
CA PRO C 64 -12.20 -10.11 13.50
C PRO C 64 -11.62 -9.46 14.75
N GLY C 65 -12.15 -8.29 15.08
CA GLY C 65 -11.78 -7.58 16.29
C GLY C 65 -10.52 -6.75 16.21
N LYS C 66 -9.93 -6.59 15.02
CA LYS C 66 -8.71 -5.81 14.89
C LYS C 66 -8.77 -4.95 13.65
N ALA C 67 -7.89 -3.95 13.61
CA ALA C 67 -7.88 -3.00 12.51
C ALA C 67 -7.43 -3.67 11.21
N PRO C 68 -7.82 -3.13 10.06
CA PRO C 68 -7.33 -3.67 8.79
C PRO C 68 -5.83 -3.48 8.66
N LYS C 69 -5.20 -4.36 7.89
CA LYS C 69 -3.77 -4.36 7.69
C LYS C 69 -3.48 -4.35 6.20
N LEU C 70 -2.60 -3.44 5.77
CA LEU C 70 -2.23 -3.38 4.36
C LEU C 70 -1.51 -4.66 3.97
N LEU C 71 -2.04 -5.34 2.95
CA LEU C 71 -1.49 -6.59 2.49
C LEU C 71 -0.64 -6.43 1.24
N ILE C 72 -1.13 -5.66 0.27
CA ILE C 72 -0.39 -5.42 -0.97
C ILE C 72 -0.49 -3.94 -1.31
N TYR C 73 0.65 -3.33 -1.58
CA TYR C 73 0.71 -1.92 -2.00
C TYR C 73 0.14 -1.75 -3.40
N SER C 74 -0.20 -0.51 -3.70
CA SER C 74 -0.53 -0.11 -5.07
C SER C 74 0.78 0.26 -5.77
N ALA C 75 1.14 -0.51 -6.78
CA ALA C 75 2.41 -0.37 -7.46
C ALA C 75 2.22 0.30 -8.82
N SER C 76 3.33 0.60 -9.49
CA SER C 76 3.29 1.19 -10.81
C SER C 76 2.68 0.23 -11.82
N SER C 77 1.96 0.78 -12.79
CA SER C 77 1.24 -0.04 -13.76
C SER C 77 2.18 -0.96 -14.54
N LEU C 78 3.43 -0.53 -14.73
CA LEU C 78 4.39 -1.36 -15.45
C LEU C 78 4.76 -2.62 -14.67
N TYR C 79 4.69 -2.56 -13.34
CA TYR C 79 5.15 -3.65 -12.49
C TYR C 79 3.97 -4.25 -11.72
N SER C 80 3.42 -5.34 -12.25
CA SER C 80 2.41 -6.11 -11.54
C SER C 80 2.33 -7.49 -12.18
N GLY C 81 2.68 -8.53 -11.43
CA GLY C 81 2.59 -9.88 -11.97
C GLY C 81 3.70 -10.81 -11.53
N VAL C 82 4.62 -10.31 -10.72
CA VAL C 82 5.69 -11.18 -10.23
C VAL C 82 5.11 -12.24 -9.31
N PRO C 83 5.38 -13.52 -9.54
CA PRO C 83 4.81 -14.57 -8.68
C PRO C 83 5.23 -14.41 -7.24
N SER C 84 4.29 -14.68 -6.33
CA SER C 84 4.52 -14.53 -4.89
C SER C 84 3.39 -15.24 -4.16
N ARG C 85 3.53 -15.33 -2.84
CA ARG C 85 2.49 -15.95 -2.03
C ARG C 85 1.18 -15.17 -2.09
N PHE C 86 1.27 -13.84 -2.01
CA PHE C 86 0.13 -12.95 -2.24
C PHE C 86 0.44 -12.12 -3.48
N SER C 87 -0.22 -12.42 -4.58
CA SER C 87 0.11 -11.77 -5.86
C SER C 87 -1.09 -10.99 -6.37
N GLY C 88 -0.87 -9.74 -6.75
CA GLY C 88 -1.88 -8.93 -7.39
C GLY C 88 -1.69 -8.94 -8.90
N SER C 89 -2.79 -9.02 -9.63
CA SER C 89 -2.75 -9.11 -11.09
C SER C 89 -3.90 -8.32 -11.67
N ARG C 90 -3.59 -7.41 -12.59
CA ARG C 90 -4.61 -6.62 -13.27
C ARG C 90 -5.00 -7.30 -14.57
N SER C 91 -6.28 -7.62 -14.73
CA SER C 91 -6.81 -8.22 -15.94
C SER C 91 -7.89 -7.29 -16.48
N GLY C 92 -7.58 -6.59 -17.57
CA GLY C 92 -8.50 -5.61 -18.09
C GLY C 92 -8.78 -4.53 -17.07
N THR C 93 -10.06 -4.29 -16.80
CA THR C 93 -10.48 -3.34 -15.78
C THR C 93 -10.61 -3.97 -14.40
N ASP C 94 -10.46 -5.28 -14.28
CA ASP C 94 -10.59 -5.98 -13.02
C ASP C 94 -9.22 -6.26 -12.41
N PHE C 95 -9.22 -6.52 -11.11
CA PHE C 95 -8.00 -6.85 -10.38
C PHE C 95 -8.24 -8.15 -9.64
N THR C 96 -7.16 -8.90 -9.42
CA THR C 96 -7.25 -10.22 -8.82
C THR C 96 -6.17 -10.36 -7.77
N LEU C 97 -6.56 -10.78 -6.58
CA LEU C 97 -5.63 -11.15 -5.52
C LEU C 97 -5.57 -12.67 -5.45
N THR C 98 -4.37 -13.22 -5.60
CA THR C 98 -4.18 -14.66 -5.60
C THR C 98 -3.34 -15.05 -4.40
N ILE C 99 -3.85 -15.99 -3.62
CA ILE C 99 -3.13 -16.62 -2.51
C ILE C 99 -2.78 -18.03 -2.97
N SER C 100 -1.48 -18.28 -3.17
CA SER C 100 -1.05 -19.55 -3.72
C SER C 100 -1.20 -20.68 -2.69
N SER C 101 -0.75 -20.46 -1.47
CA SER C 101 -0.81 -21.47 -0.42
C SER C 101 -1.61 -20.92 0.75
N LEU C 102 -2.75 -21.55 1.02
CA LEU C 102 -3.64 -21.12 2.10
C LEU C 102 -3.04 -21.54 3.43
N GLN C 103 -2.20 -20.68 3.99
CA GLN C 103 -1.68 -20.95 5.32
C GLN C 103 -2.78 -20.71 6.36
N PRO C 104 -2.68 -21.34 7.53
CA PRO C 104 -3.77 -21.26 8.51
C PRO C 104 -4.09 -19.85 9.00
N GLU C 105 -3.12 -18.94 9.04
CA GLU C 105 -3.35 -17.63 9.65
C GLU C 105 -3.83 -16.58 8.67
N ASP C 106 -4.07 -16.92 7.41
CA ASP C 106 -4.58 -15.96 6.44
C ASP C 106 -6.05 -16.22 6.10
N PHE C 107 -6.82 -16.74 7.06
CA PHE C 107 -8.26 -16.83 6.94
C PHE C 107 -8.86 -15.56 7.53
N ALA C 108 -9.27 -14.64 6.68
CA ALA C 108 -9.69 -13.32 7.11
C ALA C 108 -10.58 -12.71 6.02
N THR C 109 -10.91 -11.44 6.18
CA THR C 109 -11.64 -10.68 5.18
C THR C 109 -10.66 -9.85 4.35
N TYR C 110 -10.90 -9.77 3.05
CA TYR C 110 -9.98 -9.10 2.13
C TYR C 110 -10.72 -7.99 1.40
N TYR C 111 -10.11 -6.80 1.37
CA TYR C 111 -10.68 -5.62 0.75
C TYR C 111 -9.75 -5.09 -0.33
N CYS C 112 -10.32 -4.64 -1.44
CA CYS C 112 -9.57 -3.93 -2.46
C CYS C 112 -9.83 -2.43 -2.32
N GLN C 113 -8.82 -1.63 -2.60
CA GLN C 113 -8.91 -0.18 -2.46
C GLN C 113 -8.33 0.46 -3.72
N GLN C 114 -9.04 1.45 -4.25
CA GLN C 114 -8.58 2.22 -5.40
C GLN C 114 -8.56 3.70 -5.06
N SER C 115 -7.48 4.36 -5.45
CA SER C 115 -7.34 5.80 -5.26
C SER C 115 -7.65 6.52 -6.57
N SER C 116 -7.82 7.83 -6.46
CA SER C 116 -8.18 8.67 -7.59
C SER C 116 -7.57 10.04 -7.37
N SER C 117 -8.14 11.06 -8.02
CA SER C 117 -7.61 12.42 -7.88
C SER C 117 -7.52 12.83 -6.43
N SER C 118 -8.61 12.69 -5.67
CA SER C 118 -8.59 13.00 -4.25
C SER C 118 -9.28 11.97 -3.37
N LEU C 119 -10.17 11.15 -3.89
CA LEU C 119 -10.98 10.25 -3.08
C LEU C 119 -10.33 8.88 -2.99
N ILE C 120 -10.92 8.03 -2.14
CA ILE C 120 -10.52 6.64 -1.98
C ILE C 120 -11.77 5.79 -1.96
N THR C 121 -11.76 4.67 -2.69
CA THR C 121 -12.87 3.75 -2.75
C THR C 121 -12.42 2.40 -2.23
N PHE C 122 -13.24 1.79 -1.37
CA PHE C 122 -12.95 0.46 -0.84
C PHE C 122 -13.82 -0.57 -1.51
N GLY C 123 -13.38 -1.82 -1.46
CA GLY C 123 -14.17 -2.90 -1.99
C GLY C 123 -15.27 -3.30 -1.03
N GLN C 124 -16.18 -4.13 -1.55
CA GLN C 124 -17.25 -4.66 -0.72
C GLN C 124 -16.71 -5.57 0.36
N GLY C 125 -15.76 -6.43 0.03
CA GLY C 125 -15.15 -7.32 1.01
C GLY C 125 -15.45 -8.77 0.72
N THR C 126 -14.40 -9.59 0.74
CA THR C 126 -14.50 -11.03 0.56
C THR C 126 -13.96 -11.72 1.80
N LYS C 127 -14.77 -12.58 2.40
CA LYS C 127 -14.38 -13.32 3.59
C LYS C 127 -13.93 -14.71 3.20
N VAL C 128 -12.82 -15.16 3.76
CA VAL C 128 -12.26 -16.48 3.51
C VAL C 128 -12.40 -17.29 4.78
N GLU C 129 -13.03 -18.45 4.68
CA GLU C 129 -13.32 -19.31 5.82
C GLU C 129 -12.66 -20.67 5.61
N ILE C 130 -12.39 -21.34 6.73
CA ILE C 130 -11.71 -22.63 6.71
C ILE C 130 -12.75 -23.74 6.56
N LYS C 131 -12.46 -24.70 5.69
CA LYS C 131 -13.37 -25.81 5.45
C LYS C 131 -13.09 -26.95 6.43
N ARG C 132 -14.11 -27.78 6.64
CA ARG C 132 -13.97 -28.98 7.46
C ARG C 132 -15.09 -29.94 7.08
N THR C 133 -15.14 -31.06 7.78
CA THR C 133 -16.14 -32.08 7.50
C THR C 133 -17.53 -31.61 7.94
N VAL C 134 -18.55 -32.17 7.28
CA VAL C 134 -19.92 -31.78 7.56
C VAL C 134 -20.30 -32.23 8.96
N ALA C 135 -20.87 -31.31 9.74
CA ALA C 135 -21.27 -31.56 11.11
C ALA C 135 -22.76 -31.34 11.27
N ALA C 136 -23.33 -32.00 12.27
CA ALA C 136 -24.75 -31.89 12.58
C ALA C 136 -24.96 -30.95 13.77
N PRO C 137 -26.10 -30.26 13.81
CA PRO C 137 -26.39 -29.37 14.94
C PRO C 137 -27.16 -30.05 16.05
N SER C 138 -26.90 -29.58 17.27
CA SER C 138 -27.60 -30.07 18.46
C SER C 138 -28.80 -29.15 18.69
N VAL C 139 -29.96 -29.55 18.18
CA VAL C 139 -31.15 -28.70 18.19
C VAL C 139 -31.72 -28.65 19.60
N PHE C 140 -32.01 -27.45 20.08
CA PHE C 140 -32.63 -27.23 21.38
C PHE C 140 -33.76 -26.23 21.23
N ILE C 141 -34.76 -26.36 22.09
CA ILE C 141 -35.86 -25.40 22.16
C ILE C 141 -35.97 -24.91 23.60
N PHE C 142 -36.39 -23.65 23.77
CA PHE C 142 -36.45 -23.07 25.11
C PHE C 142 -37.80 -22.41 25.34
N PRO C 143 -38.49 -22.72 26.43
CA PRO C 143 -39.76 -22.08 26.74
C PRO C 143 -39.55 -20.67 27.25
N PRO C 144 -40.54 -19.79 27.10
CA PRO C 144 -40.45 -18.47 27.72
C PRO C 144 -40.33 -18.56 29.23
N SER C 145 -39.54 -17.67 29.81
CA SER C 145 -39.29 -17.68 31.24
C SER C 145 -40.49 -17.09 31.99
N ASP C 146 -40.49 -17.30 33.31
CA ASP C 146 -41.57 -16.77 34.14
C ASP C 146 -41.62 -15.25 34.09
N SER C 147 -40.46 -14.60 34.20
CA SER C 147 -40.42 -13.15 34.05
C SER C 147 -40.83 -12.73 32.65
N GLN C 148 -40.46 -13.52 31.64
CA GLN C 148 -40.93 -13.25 30.28
C GLN C 148 -42.45 -13.35 30.20
N LEU C 149 -43.03 -14.35 30.87
CA LEU C 149 -44.48 -14.46 30.89
C LEU C 149 -45.12 -13.26 31.57
N LYS C 150 -44.54 -12.80 32.67
CA LYS C 150 -45.07 -11.61 33.35
C LYS C 150 -44.81 -10.34 32.56
N SER C 151 -43.89 -10.36 31.60
CA SER C 151 -43.55 -9.16 30.85
C SER C 151 -44.62 -8.77 29.83
N GLY C 152 -45.46 -9.71 29.41
CA GLY C 152 -46.49 -9.43 28.43
C GLY C 152 -46.23 -9.94 27.04
N THR C 153 -45.02 -10.45 26.76
CA THR C 153 -44.70 -11.06 25.48
C THR C 153 -43.96 -12.37 25.73
N ALA C 154 -44.11 -13.30 24.78
CA ALA C 154 -43.49 -14.61 24.88
C ALA C 154 -42.49 -14.79 23.75
N SER C 155 -41.24 -15.08 24.10
CA SER C 155 -40.19 -15.31 23.12
C SER C 155 -39.69 -16.75 23.26
N VAL C 156 -39.76 -17.51 22.17
CA VAL C 156 -39.33 -18.90 22.16
C VAL C 156 -38.16 -19.01 21.18
N VAL C 157 -37.07 -19.63 21.63
CA VAL C 157 -35.84 -19.71 20.87
C VAL C 157 -35.51 -21.17 20.55
N CYS C 158 -35.15 -21.41 19.31
CA CYS C 158 -34.63 -22.69 18.85
C CYS C 158 -33.18 -22.49 18.42
N LEU C 159 -32.28 -23.31 18.95
CA LEU C 159 -30.86 -23.14 18.71
C LEU C 159 -30.26 -24.38 18.06
N LEU C 160 -29.35 -24.13 17.13
CA LEU C 160 -28.53 -25.15 16.49
C LEU C 160 -27.09 -24.90 16.89
N ASN C 161 -26.38 -25.94 17.31
CA ASN C 161 -25.04 -25.78 17.87
C ASN C 161 -24.03 -26.63 17.12
N ASN C 162 -22.86 -26.04 16.84
CA ASN C 162 -21.68 -26.77 16.38
C ASN C 162 -21.96 -27.57 15.11
N PHE C 163 -22.40 -26.86 14.08
CA PHE C 163 -22.60 -27.42 12.75
C PHE C 163 -21.78 -26.61 11.75
N TYR C 164 -21.08 -27.30 10.86
CA TYR C 164 -20.19 -26.58 9.95
C TYR C 164 -20.95 -25.93 8.80
N PRO C 165 -21.75 -26.67 7.99
CA PRO C 165 -22.39 -26.01 6.85
C PRO C 165 -23.35 -24.92 7.29
N ARG C 166 -23.01 -23.67 6.99
CA ARG C 166 -23.77 -22.54 7.52
C ARG C 166 -25.22 -22.58 7.04
N GLU C 167 -25.44 -22.97 5.79
CA GLU C 167 -26.79 -23.00 5.23
C GLU C 167 -27.67 -23.99 6.00
N ALA C 168 -28.65 -23.46 6.73
CA ALA C 168 -29.59 -24.28 7.48
C ALA C 168 -30.92 -23.55 7.53
N LYS C 169 -32.01 -24.29 7.32
CA LYS C 169 -33.33 -23.70 7.31
C LYS C 169 -34.10 -24.04 8.57
N GLN C 171 -37.68 -23.91 10.51
CA GLN C 171 -38.97 -23.24 10.42
C GLN C 171 -39.76 -23.39 11.71
N TRP C 172 -40.67 -22.45 11.96
CA TRP C 172 -41.48 -22.43 13.17
C TRP C 172 -42.89 -22.90 12.86
N LYS C 173 -43.37 -23.88 13.62
CA LYS C 173 -44.71 -24.41 13.49
C LYS C 173 -45.44 -24.29 14.82
N VAL C 174 -46.72 -23.89 14.74
CA VAL C 174 -47.57 -23.77 15.92
C VAL C 174 -48.81 -24.62 15.66
N ASP C 175 -48.96 -25.70 16.42
CA ASP C 175 -50.09 -26.62 16.27
C ASP C 175 -50.21 -27.12 14.84
N ASN C 176 -49.06 -27.36 14.21
CA ASN C 176 -48.99 -27.80 12.82
C ASN C 176 -49.74 -26.86 11.89
N LEU C 178 -47.13 -22.87 10.39
CA LEU C 178 -46.13 -22.33 9.48
C LEU C 178 -46.30 -20.83 9.31
N GLN C 179 -45.44 -20.04 9.96
CA GLN C 179 -45.49 -18.59 9.88
C GLN C 179 -44.14 -18.06 9.45
N SER C 180 -44.16 -16.84 8.94
CA SER C 180 -42.94 -16.15 8.53
C SER C 180 -43.09 -14.66 8.79
N GLY C 181 -41.95 -13.97 8.89
CA GLY C 181 -41.95 -12.55 9.15
C GLY C 181 -41.71 -12.21 10.60
N ASN C 182 -42.31 -12.99 11.50
CA ASN C 182 -42.18 -12.76 12.94
C ASN C 182 -41.12 -13.69 13.54
N SER C 183 -39.90 -13.59 13.02
CA SER C 183 -38.80 -14.39 13.51
C SER C 183 -37.49 -13.65 13.31
N GLN C 184 -36.55 -13.87 14.22
CA GLN C 184 -35.23 -13.24 14.15
C GLN C 184 -34.16 -14.32 14.21
N GLU C 185 -33.21 -14.26 13.28
CA GLU C 185 -32.15 -15.26 13.17
C GLU C 185 -30.80 -14.61 13.42
N SER C 186 -30.00 -15.23 14.28
CA SER C 186 -28.64 -14.78 14.54
C SER C 186 -27.69 -15.96 14.44
N VAL C 187 -26.64 -15.82 13.63
CA VAL C 187 -25.65 -16.86 13.44
C VAL C 187 -24.29 -16.33 13.87
N THR C 188 -23.56 -17.14 14.63
CA THR C 188 -22.24 -16.75 15.09
C THR C 188 -21.21 -16.89 13.98
N GLU C 189 -20.01 -16.37 14.25
CA GLU C 189 -18.90 -16.54 13.33
C GLU C 189 -18.32 -17.95 13.47
N GLN C 190 -17.30 -18.25 12.68
CA GLN C 190 -16.62 -19.53 12.79
C GLN C 190 -15.89 -19.62 14.12
N ASP C 191 -15.91 -20.82 14.71
CA ASP C 191 -15.18 -21.03 15.96
C ASP C 191 -13.68 -20.98 15.68
N SER C 192 -12.93 -20.48 16.68
CA SER C 192 -11.50 -20.31 16.51
C SER C 192 -10.79 -21.65 16.29
N LYS C 193 -11.16 -22.66 17.06
CA LYS C 193 -10.47 -23.95 17.01
C LYS C 193 -11.36 -25.11 16.60
N ASP C 194 -12.67 -24.90 16.47
CA ASP C 194 -13.60 -25.96 16.09
C ASP C 194 -14.14 -25.78 14.69
N SER C 195 -14.35 -24.53 14.27
CA SER C 195 -14.73 -24.16 12.90
C SER C 195 -16.17 -24.57 12.58
N THR C 196 -17.08 -24.35 13.53
CA THR C 196 -18.49 -24.60 13.32
C THR C 196 -19.29 -23.36 13.70
N TYR C 197 -20.58 -23.39 13.43
CA TYR C 197 -21.46 -22.26 13.65
C TYR C 197 -22.52 -22.58 14.70
N SER C 198 -23.14 -21.52 15.21
CA SER C 198 -24.30 -21.62 16.09
C SER C 198 -25.37 -20.68 15.58
N LEU C 199 -26.60 -21.16 15.54
CA LEU C 199 -27.73 -20.40 15.02
C LEU C 199 -28.81 -20.33 16.09
N SER C 200 -29.41 -19.15 16.24
CA SER C 200 -30.52 -18.95 17.16
C SER C 200 -31.67 -18.31 16.38
N SER C 201 -32.84 -18.94 16.42
CA SER C 201 -34.05 -18.42 15.81
C SER C 201 -35.06 -18.13 16.92
N THR C 202 -35.48 -16.88 17.01
CA THR C 202 -36.36 -16.41 18.07
C THR C 202 -37.70 -16.00 17.47
N LEU C 203 -38.77 -16.56 18.00
CA LEU C 203 -40.14 -16.22 17.61
C LEU C 203 -40.81 -15.50 18.78
N THR C 204 -41.31 -14.30 18.50
CA THR C 204 -41.92 -13.45 19.52
C THR C 204 -43.41 -13.33 19.26
N LEU C 205 -44.21 -13.51 20.30
CA LEU C 205 -45.65 -13.51 20.18
C LEU C 205 -46.27 -12.76 21.35
N SER C 206 -47.50 -12.29 21.15
CA SER C 206 -48.27 -11.69 22.22
C SER C 206 -48.89 -12.78 23.09
N LYS C 207 -49.36 -12.38 24.28
CA LYS C 207 -49.85 -13.36 25.24
C LYS C 207 -51.15 -14.01 24.76
N ALA C 208 -52.01 -13.23 24.12
CA ALA C 208 -53.23 -13.79 23.57
C ALA C 208 -52.93 -14.86 22.52
N ASP C 209 -51.92 -14.62 21.68
CA ASP C 209 -51.52 -15.60 20.68
C ASP C 209 -50.73 -16.74 21.28
N TYR C 210 -49.90 -16.47 22.30
CA TYR C 210 -49.06 -17.53 22.86
C TYR C 210 -49.88 -18.51 23.69
N GLU C 211 -50.78 -18.01 24.54
CA GLU C 211 -51.52 -18.91 25.42
C GLU C 211 -52.47 -19.81 24.64
N LYS C 212 -53.01 -19.33 23.52
CA LYS C 212 -53.87 -20.16 22.69
C LYS C 212 -53.06 -21.22 21.96
N VAL C 215 -48.91 -26.38 21.92
CA VAL C 215 -47.58 -26.94 21.67
C VAL C 215 -46.81 -26.03 20.72
N TYR C 216 -45.48 -26.16 20.74
CA TYR C 216 -44.62 -25.45 19.80
C TYR C 216 -43.52 -26.39 19.35
N ALA C 217 -42.99 -26.14 18.16
CA ALA C 217 -41.93 -26.98 17.61
C ALA C 217 -41.16 -26.20 16.56
N CYS C 218 -39.87 -26.51 16.44
CA CYS C 218 -38.99 -25.94 15.43
C CYS C 218 -38.38 -27.07 14.62
N GLU C 219 -38.45 -26.94 13.30
CA GLU C 219 -37.89 -27.93 12.37
C GLU C 219 -36.66 -27.34 11.70
N VAL C 220 -35.59 -28.13 11.62
CA VAL C 220 -34.34 -27.71 11.02
C VAL C 220 -34.03 -28.62 9.84
N THR C 221 -33.71 -28.00 8.71
CA THR C 221 -33.26 -28.69 7.50
C THR C 221 -31.81 -28.33 7.25
N HIS C 222 -30.95 -29.35 7.15
CA HIS C 222 -29.53 -29.12 7.02
C HIS C 222 -28.92 -29.97 5.91
N GLY C 224 -26.40 -31.98 5.96
CA GLY C 224 -25.99 -32.25 7.33
C GLY C 224 -26.84 -33.31 8.01
N LEU C 225 -28.14 -33.31 7.70
CA LEU C 225 -29.08 -34.26 8.25
C LEU C 225 -29.82 -34.98 7.13
N SER C 226 -30.03 -36.28 7.30
CA SER C 226 -30.77 -37.05 6.31
C SER C 226 -32.21 -36.56 6.21
N SER C 227 -32.84 -36.29 7.35
CA SER C 227 -34.21 -35.78 7.39
CA SER C 227 -34.21 -35.79 7.40
C SER C 227 -34.28 -34.61 8.36
N PRO C 228 -35.18 -33.65 8.11
CA PRO C 228 -35.29 -32.50 9.01
C PRO C 228 -35.62 -32.93 10.43
N VAL C 229 -35.01 -32.26 11.39
CA VAL C 229 -35.12 -32.61 12.80
C VAL C 229 -36.05 -31.62 13.48
N THR C 230 -37.07 -32.12 14.17
CA THR C 230 -38.05 -31.29 14.85
C THR C 230 -37.88 -31.42 16.35
N LYS C 231 -37.75 -30.29 17.03
CA LYS C 231 -37.71 -30.23 18.49
C LYS C 231 -38.95 -29.52 18.98
N SER C 232 -39.68 -30.16 19.89
CA SER C 232 -40.98 -29.68 20.32
C SER C 232 -41.05 -29.57 21.83
N PHE C 233 -41.98 -28.74 22.30
CA PHE C 233 -42.27 -28.60 23.72
C PHE C 233 -43.70 -28.13 23.88
N ASN C 234 -44.18 -28.17 25.13
CA ASN C 234 -45.52 -27.69 25.45
C ASN C 234 -45.53 -26.92 26.76
#